data_8ZHY
#
_entry.id   8ZHY
#
_cell.length_a   86.729
_cell.length_b   93.776
_cell.length_c   166.309
_cell.angle_alpha   90
_cell.angle_beta   90
_cell.angle_gamma   90
#
_symmetry.space_group_name_H-M   'P 2 21 21'
#
loop_
_entity.id
_entity.type
_entity.pdbx_description
1 polymer '4-hydroxythreonine-4-phosphate dehydrogenase'
2 non-polymer 1,2-ETHANEDIOL
3 non-polymer 'ZINC ION'
4 non-polymer 'SODIUM ION'
5 non-polymer 'CARBON DIOXIDE'
6 non-polymer 'MAGNESIUM ION'
7 water water
#
_entity_poly.entity_id   1
_entity_poly.type   'polypeptide(L)'
_entity_poly.pdbx_seq_one_letter_code
;MGSSHHHHHHSSGLVPRGSHMTIVHRRLALAIGDPHGIGPEIALKALQQLSATERSLIKVYGPWSALEQAAQICQMESLL
QDLIHEEAGSLAQPVQCGEITPQAGLSTVQSATAAIRACESGEVDAVIACPHHETAIHRAGIAFSGYPSLLANVLGMNED
EVFLMLVGAGLRIVHVTLHESVRSALERLSPQLVINAVDAAVQTCTLLGVPKPQVAVFGINPHASEGQLFGLEDSQITVP
AVETLRKRGLTVDGPMGADMVLAQRKHDLYVAMLHDQGHIPIKLLAPNGASALSIGGRVVLSSVGHGSAMDIAGRGVADA
TALLRTIALLGAQPV
;
_entity_poly.pdbx_strand_id   A,B,C,D
#
# COMPACT_ATOMS: atom_id res chain seq x y z
N MET A 21 -10.31 -14.01 48.47
CA MET A 21 -10.81 -12.69 48.05
C MET A 21 -10.95 -12.65 46.53
N THR A 22 -12.19 -12.88 46.06
CA THR A 22 -12.48 -13.15 44.66
C THR A 22 -13.05 -11.90 44.00
N ILE A 23 -12.39 -11.43 42.93
CA ILE A 23 -12.76 -10.19 42.27
C ILE A 23 -13.42 -10.43 40.91
N VAL A 24 -13.28 -11.66 40.37
CA VAL A 24 -13.78 -11.95 39.04
C VAL A 24 -15.00 -12.87 39.13
N HIS A 25 -16.20 -12.35 38.83
CA HIS A 25 -17.40 -13.15 38.95
C HIS A 25 -18.12 -13.35 37.61
N ARG A 26 -17.38 -13.21 36.50
CA ARG A 26 -17.96 -13.33 35.17
C ARG A 26 -16.86 -13.44 34.12
N ARG A 27 -17.26 -13.70 32.88
CA ARG A 27 -16.30 -13.90 31.80
C ARG A 27 -15.88 -12.56 31.22
N LEU A 28 -14.55 -12.40 31.06
CA LEU A 28 -13.96 -11.17 30.60
C LEU A 28 -12.94 -11.48 29.51
N ALA A 29 -12.78 -10.53 28.57
CA ALA A 29 -11.72 -10.59 27.58
C ALA A 29 -10.63 -9.60 27.94
N LEU A 30 -9.39 -10.08 28.06
CA LEU A 30 -8.24 -9.23 28.29
C LEU A 30 -7.40 -9.16 27.01
N ALA A 31 -7.30 -7.97 26.43
CA ALA A 31 -6.45 -7.76 25.27
C ALA A 31 -5.18 -7.08 25.73
N ILE A 32 -4.03 -7.59 25.30
CA ILE A 32 -2.78 -7.32 25.99
C ILE A 32 -2.14 -6.04 25.47
N GLY A 33 -2.82 -5.32 24.56
CA GLY A 33 -2.36 -4.01 24.14
C GLY A 33 -1.09 -4.11 23.31
N ASP A 34 -0.25 -3.06 23.34
CA ASP A 34 0.96 -3.06 22.53
C ASP A 34 1.89 -4.19 22.97
N PRO A 35 2.20 -5.13 22.05
CA PRO A 35 3.01 -6.31 22.41
C PRO A 35 4.47 -6.00 22.72
N HIS A 36 4.86 -4.73 22.50
CA HIS A 36 6.19 -4.24 22.82
C HIS A 36 6.19 -3.51 24.16
N GLY A 37 5.04 -2.99 24.58
CA GLY A 37 4.94 -2.26 25.85
C GLY A 37 4.84 -3.21 27.03
N ILE A 38 4.28 -2.70 28.15
CA ILE A 38 4.14 -3.44 29.39
C ILE A 38 2.84 -4.23 29.41
N GLY A 39 2.00 -4.11 28.36
CA GLY A 39 0.73 -4.81 28.37
C GLY A 39 0.92 -6.28 28.75
N PRO A 40 1.66 -7.06 27.94
CA PRO A 40 1.90 -8.48 28.23
C PRO A 40 2.36 -8.72 29.67
N GLU A 41 3.37 -7.97 30.10
CA GLU A 41 3.88 -8.07 31.46
C GLU A 41 2.73 -7.98 32.46
N ILE A 42 1.98 -6.86 32.45
CA ILE A 42 1.01 -6.59 33.49
C ILE A 42 -0.12 -7.61 33.42
N ALA A 43 -0.50 -8.00 32.19
CA ALA A 43 -1.45 -9.08 32.02
C ALA A 43 -1.06 -10.25 32.92
N LEU A 44 0.16 -10.79 32.72
CA LEU A 44 0.59 -11.97 33.43
C LEU A 44 0.64 -11.72 34.93
N LYS A 45 1.21 -10.59 35.34
CA LYS A 45 1.31 -10.31 36.76
C LYS A 45 -0.07 -10.28 37.39
N ALA A 46 -1.07 -9.81 36.64
CA ALA A 46 -2.42 -9.65 37.16
C ALA A 46 -3.15 -11.00 37.22
N LEU A 47 -2.86 -11.91 36.29
CA LEU A 47 -3.43 -13.25 36.31
C LEU A 47 -2.76 -14.08 37.42
N GLN A 48 -1.47 -13.83 37.66
CA GLN A 48 -0.71 -14.40 38.76
C GLN A 48 -1.49 -14.29 40.07
N GLN A 49 -2.07 -13.13 40.31
CA GLN A 49 -2.64 -12.80 41.61
C GLN A 49 -4.00 -13.45 41.83
N LEU A 50 -4.60 -14.00 40.76
CA LEU A 50 -5.92 -14.61 40.86
C LEU A 50 -5.80 -16.10 41.18
N SER A 51 -6.86 -16.69 41.73
CA SER A 51 -7.02 -18.13 41.82
C SER A 51 -7.17 -18.70 40.41
N ALA A 52 -7.04 -20.03 40.27
CA ALA A 52 -7.10 -20.67 38.96
C ALA A 52 -8.52 -20.60 38.41
N THR A 53 -9.50 -20.69 39.31
CA THR A 53 -10.91 -20.53 38.98
C THR A 53 -11.13 -19.20 38.27
N GLU A 54 -10.55 -18.13 38.82
CA GLU A 54 -10.73 -16.78 38.28
C GLU A 54 -10.02 -16.62 36.95
N ARG A 55 -8.89 -17.32 36.79
CA ARG A 55 -8.08 -17.21 35.58
C ARG A 55 -8.81 -17.79 34.37
N SER A 56 -9.67 -18.78 34.61
CA SER A 56 -10.33 -19.47 33.52
C SER A 56 -11.58 -18.72 33.07
N LEU A 57 -11.94 -17.66 33.82
CA LEU A 57 -12.98 -16.74 33.39
C LEU A 57 -12.41 -15.63 32.50
N ILE A 58 -11.06 -15.52 32.44
CA ILE A 58 -10.45 -14.47 31.66
C ILE A 58 -9.78 -15.06 30.42
N LYS A 59 -10.36 -14.70 29.26
CA LYS A 59 -9.81 -15.06 27.96
C LYS A 59 -8.88 -13.92 27.52
N VAL A 60 -7.67 -14.32 27.07
CA VAL A 60 -6.61 -13.39 26.74
C VAL A 60 -6.48 -13.32 25.21
N TYR A 61 -6.46 -12.09 24.68
CA TYR A 61 -6.42 -11.85 23.24
C TYR A 61 -5.14 -11.10 22.91
N GLY A 62 -4.33 -11.67 22.01
CA GLY A 62 -3.01 -11.13 21.72
C GLY A 62 -2.08 -12.20 21.13
N PRO A 63 -0.90 -11.78 20.61
CA PRO A 63 0.06 -12.72 20.05
C PRO A 63 0.76 -13.55 21.12
N TRP A 64 0.84 -14.85 20.87
CA TRP A 64 1.41 -15.78 21.83
C TRP A 64 2.89 -15.43 22.09
N SER A 65 3.59 -15.00 21.04
CA SER A 65 5.02 -14.72 21.14
C SER A 65 5.31 -13.71 22.26
N ALA A 66 4.46 -12.69 22.40
CA ALA A 66 4.65 -11.62 23.38
C ALA A 66 4.36 -12.10 24.79
N LEU A 67 3.39 -13.00 24.95
CA LEU A 67 3.10 -13.60 26.25
C LEU A 67 4.20 -14.57 26.64
N GLU A 68 4.83 -15.22 25.66
CA GLU A 68 6.01 -16.02 25.94
C GLU A 68 7.12 -15.11 26.48
N GLN A 69 7.39 -14.04 25.71
CA GLN A 69 8.42 -13.07 26.05
C GLN A 69 8.23 -12.51 27.47
N ALA A 70 7.02 -12.07 27.79
CA ALA A 70 6.75 -11.48 29.09
C ALA A 70 6.84 -12.54 30.20
N ALA A 71 6.69 -13.82 29.86
CA ALA A 71 6.72 -14.89 30.86
C ALA A 71 8.15 -15.21 31.27
N GLN A 72 9.07 -15.25 30.28
CA GLN A 72 10.48 -15.50 30.56
C GLN A 72 11.05 -14.36 31.41
N ILE A 73 10.63 -13.13 31.11
CA ILE A 73 11.07 -11.96 31.84
C ILE A 73 10.56 -12.03 33.28
N CYS A 74 9.27 -12.27 33.46
CA CYS A 74 8.64 -12.21 34.77
C CYS A 74 8.79 -13.53 35.53
N GLN A 75 9.31 -14.58 34.85
CA GLN A 75 9.52 -15.90 35.45
C GLN A 75 8.17 -16.49 35.85
N MET A 76 7.26 -16.58 34.87
CA MET A 76 5.89 -17.05 35.13
C MET A 76 5.53 -18.08 34.07
N GLU A 77 6.47 -18.98 33.75
CA GLU A 77 6.32 -19.95 32.67
C GLU A 77 5.18 -20.91 33.03
N SER A 78 5.03 -21.21 34.32
CA SER A 78 4.02 -22.14 34.81
C SER A 78 2.62 -21.69 34.39
N LEU A 79 2.42 -20.38 34.27
CA LEU A 79 1.09 -19.79 34.18
C LEU A 79 0.57 -19.78 32.74
N LEU A 80 1.41 -20.15 31.76
CA LEU A 80 0.99 -20.13 30.37
C LEU A 80 0.04 -21.29 30.09
N GLN A 81 0.30 -22.44 30.72
CA GLN A 81 -0.52 -23.64 30.58
C GLN A 81 -1.92 -23.41 31.16
N ASP A 82 -2.00 -22.61 32.23
CA ASP A 82 -3.21 -22.46 33.00
C ASP A 82 -3.92 -21.17 32.58
N LEU A 83 -3.95 -20.94 31.27
CA LEU A 83 -4.33 -19.65 30.70
C LEU A 83 -5.21 -19.90 29.48
N ILE A 84 -6.38 -19.25 29.45
CA ILE A 84 -7.25 -19.31 28.28
C ILE A 84 -6.82 -18.21 27.31
N HIS A 85 -6.52 -18.59 26.06
CA HIS A 85 -5.91 -17.69 25.10
C HIS A 85 -6.46 -17.87 23.69
N GLU A 86 -6.66 -16.76 22.98
CA GLU A 86 -6.98 -16.75 21.57
C GLU A 86 -5.95 -15.87 20.84
N GLU A 87 -5.32 -16.42 19.80
CA GLU A 87 -4.32 -15.69 19.04
C GLU A 87 -5.01 -14.57 18.25
N ALA A 88 -4.56 -13.33 18.50
CA ALA A 88 -4.88 -12.16 17.70
C ALA A 88 -3.62 -11.31 17.59
N GLY A 89 -3.49 -10.55 16.49
CA GLY A 89 -2.40 -9.59 16.39
C GLY A 89 -1.04 -10.26 16.31
N SER A 90 -0.98 -11.34 15.51
CA SER A 90 0.22 -12.15 15.38
C SER A 90 1.32 -11.29 14.79
N LEU A 91 2.58 -11.62 15.10
CA LEU A 91 3.73 -10.86 14.66
C LEU A 91 4.51 -11.66 13.61
N ALA A 92 5.05 -10.94 12.61
CA ALA A 92 5.78 -11.55 11.51
C ALA A 92 7.28 -11.63 11.81
N GLN A 93 7.68 -11.05 12.95
CA GLN A 93 9.07 -11.00 13.40
C GLN A 93 9.09 -11.07 14.92
N PRO A 94 10.25 -11.38 15.56
CA PRO A 94 10.31 -11.45 17.03
C PRO A 94 9.88 -10.18 17.73
N VAL A 95 9.46 -10.33 18.99
CA VAL A 95 9.11 -9.22 19.84
C VAL A 95 10.36 -8.39 20.15
N GLN A 96 10.19 -7.07 20.18
CA GLN A 96 11.25 -6.12 20.48
C GLN A 96 10.78 -5.23 21.63
N CYS A 97 11.05 -5.66 22.86
CA CYS A 97 10.61 -4.93 24.03
C CYS A 97 11.14 -3.50 24.01
N GLY A 98 10.23 -2.54 23.82
CA GLY A 98 10.50 -1.11 24.01
C GLY A 98 10.45 -0.32 22.70
N GLU A 99 10.36 -1.02 21.56
CA GLU A 99 10.46 -0.38 20.26
C GLU A 99 9.07 -0.03 19.74
N ILE A 100 8.97 1.15 19.10
CA ILE A 100 7.72 1.60 18.51
C ILE A 100 7.73 1.16 17.06
N THR A 101 6.92 0.16 16.71
CA THR A 101 6.92 -0.38 15.36
C THR A 101 5.50 -0.42 14.79
N PRO A 102 5.31 -0.05 13.51
CA PRO A 102 3.99 -0.19 12.85
C PRO A 102 3.30 -1.51 13.14
N GLN A 103 4.07 -2.59 13.27
CA GLN A 103 3.53 -3.93 13.42
C GLN A 103 2.80 -4.02 14.76
N ALA A 104 3.45 -3.52 15.81
CA ALA A 104 2.95 -3.62 17.17
C ALA A 104 1.67 -2.81 17.34
N GLY A 105 1.59 -1.70 16.62
CA GLY A 105 0.36 -0.92 16.50
C GLY A 105 -0.80 -1.75 15.98
N LEU A 106 -0.55 -2.52 14.92
CA LEU A 106 -1.55 -3.40 14.34
C LEU A 106 -1.94 -4.49 15.33
N SER A 107 -0.95 -5.13 15.94
CA SER A 107 -1.22 -6.16 16.94
C SER A 107 -2.24 -5.66 17.95
N THR A 108 -1.95 -4.51 18.56
CA THR A 108 -2.80 -3.90 19.56
C THR A 108 -4.25 -3.87 19.09
N VAL A 109 -4.46 -3.33 17.89
CA VAL A 109 -5.77 -3.08 17.32
C VAL A 109 -6.47 -4.40 17.02
N GLN A 110 -5.73 -5.37 16.44
CA GLN A 110 -6.30 -6.66 16.11
C GLN A 110 -6.75 -7.36 17.38
N SER A 111 -5.88 -7.35 18.40
CA SER A 111 -6.17 -7.96 19.68
C SER A 111 -7.43 -7.34 20.29
N ALA A 112 -7.50 -6.01 20.25
CA ALA A 112 -8.61 -5.31 20.88
C ALA A 112 -9.87 -5.54 20.06
N THR A 113 -9.74 -5.49 18.72
CA THR A 113 -10.82 -5.82 17.81
C THR A 113 -11.38 -7.20 18.14
N ALA A 114 -10.48 -8.17 18.35
CA ALA A 114 -10.88 -9.55 18.61
C ALA A 114 -11.72 -9.63 19.89
N ALA A 115 -11.23 -9.02 20.97
CA ALA A 115 -11.88 -9.14 22.26
C ALA A 115 -13.27 -8.51 22.21
N ILE A 116 -13.40 -7.43 21.44
CA ILE A 116 -14.65 -6.69 21.36
C ILE A 116 -15.70 -7.57 20.71
N ARG A 117 -15.28 -8.34 19.70
CA ARG A 117 -16.20 -9.14 18.90
C ARG A 117 -16.64 -10.38 19.66
N ALA A 118 -15.83 -10.80 20.63
CA ALA A 118 -16.19 -11.87 21.55
C ALA A 118 -17.17 -11.37 22.61
N CYS A 119 -17.11 -10.07 22.95
CA CYS A 119 -18.11 -9.43 23.78
C CYS A 119 -19.41 -9.25 22.97
N GLU A 120 -19.28 -8.65 21.77
CA GLU A 120 -20.38 -8.41 20.85
C GLU A 120 -21.22 -9.68 20.65
N SER A 121 -20.54 -10.82 20.43
CA SER A 121 -21.19 -12.08 20.10
C SER A 121 -21.64 -12.81 21.37
N GLY A 122 -21.04 -12.47 22.51
CA GLY A 122 -21.55 -12.92 23.81
C GLY A 122 -20.64 -13.96 24.48
N GLU A 123 -19.45 -14.19 23.94
CA GLU A 123 -18.49 -15.09 24.57
C GLU A 123 -18.02 -14.56 25.92
N VAL A 124 -17.96 -13.23 26.06
CA VAL A 124 -17.61 -12.59 27.31
C VAL A 124 -18.58 -11.44 27.56
N ASP A 125 -18.54 -10.88 28.78
CA ASP A 125 -19.47 -9.85 29.22
C ASP A 125 -18.85 -8.47 29.18
N ALA A 126 -17.53 -8.37 29.17
CA ALA A 126 -16.87 -7.09 29.03
C ALA A 126 -15.43 -7.29 28.56
N VAL A 127 -14.81 -6.17 28.15
CA VAL A 127 -13.43 -6.19 27.68
C VAL A 127 -12.59 -5.25 28.53
N ILE A 128 -11.39 -5.69 28.85
CA ILE A 128 -10.33 -4.82 29.36
C ILE A 128 -9.24 -4.77 28.29
N ALA A 129 -8.79 -3.55 27.94
CA ALA A 129 -7.70 -3.37 27.00
C ALA A 129 -6.45 -2.85 27.71
N CYS A 130 -5.35 -3.59 27.59
CA CYS A 130 -4.07 -3.13 28.12
C CYS A 130 -3.55 -1.99 27.25
N PRO A 131 -2.50 -1.27 27.69
CA PRO A 131 -2.08 -0.04 27.02
C PRO A 131 -1.66 -0.21 25.57
N HIS A 132 -1.91 0.86 24.82
CA HIS A 132 -1.52 1.01 23.44
C HIS A 132 -0.45 2.10 23.38
N HIS A 133 0.20 2.21 22.22
CA HIS A 133 1.02 3.37 21.89
C HIS A 133 0.46 3.97 20.60
N GLU A 134 0.03 5.24 20.67
CA GLU A 134 -0.73 5.86 19.60
C GLU A 134 0.12 6.04 18.35
N THR A 135 1.41 6.33 18.53
CA THR A 135 2.31 6.49 17.40
C THR A 135 2.32 5.21 16.57
N ALA A 136 2.54 4.09 17.27
CA ALA A 136 2.65 2.77 16.64
C ALA A 136 1.41 2.49 15.79
N ILE A 137 0.24 2.93 16.28
CA ILE A 137 -1.00 2.66 15.60
C ILE A 137 -1.11 3.59 14.40
N HIS A 138 -0.76 4.87 14.59
CA HIS A 138 -0.80 5.83 13.50
C HIS A 138 0.14 5.37 12.39
N ARG A 139 1.34 4.95 12.78
CA ARG A 139 2.35 4.55 11.82
C ARG A 139 1.93 3.31 11.04
N ALA A 140 1.00 2.52 11.59
CA ALA A 140 0.44 1.38 10.87
C ALA A 140 -0.55 1.85 9.81
N GLY A 141 -0.97 3.11 9.91
CA GLY A 141 -1.90 3.71 8.96
C GLY A 141 -3.34 3.69 9.47
N ILE A 142 -3.51 3.49 10.78
CA ILE A 142 -4.83 3.32 11.35
C ILE A 142 -5.23 4.59 12.09
N ALA A 143 -6.43 5.05 11.74
CA ALA A 143 -7.08 6.16 12.42
C ALA A 143 -7.48 5.73 13.82
N PHE A 144 -6.99 6.44 14.83
CA PHE A 144 -7.34 6.11 16.20
C PHE A 144 -7.41 7.40 17.02
N SER A 145 -8.63 7.71 17.48
CA SER A 145 -8.90 8.82 18.38
C SER A 145 -9.36 8.29 19.74
N GLY A 146 -9.10 7.01 20.01
CA GLY A 146 -9.44 6.40 21.29
C GLY A 146 -10.28 5.13 21.13
N TYR A 147 -10.71 4.62 22.29
CA TYR A 147 -11.47 3.38 22.36
C TYR A 147 -12.92 3.65 22.02
N PRO A 148 -13.53 4.80 22.38
CA PRO A 148 -14.84 5.18 21.84
C PRO A 148 -14.92 4.99 20.31
N SER A 149 -13.96 5.55 19.59
CA SER A 149 -13.97 5.48 18.12
C SER A 149 -13.72 4.04 17.65
N LEU A 150 -12.64 3.42 18.11
CA LEU A 150 -12.31 2.08 17.66
C LEU A 150 -13.54 1.17 17.85
N LEU A 151 -14.18 1.30 19.01
CA LEU A 151 -15.28 0.43 19.39
C LEU A 151 -16.44 0.65 18.45
N ALA A 152 -16.64 1.90 18.02
CA ALA A 152 -17.70 2.25 17.10
C ALA A 152 -17.46 1.55 15.76
N ASN A 153 -16.26 1.77 15.20
CA ASN A 153 -15.89 1.23 13.89
C ASN A 153 -16.15 -0.26 13.84
N VAL A 154 -15.57 -0.99 14.81
CA VAL A 154 -15.64 -2.43 14.84
C VAL A 154 -17.09 -2.92 14.88
N LEU A 155 -17.96 -2.17 15.56
CA LEU A 155 -19.33 -2.60 15.79
C LEU A 155 -20.27 -2.12 14.67
N GLY A 156 -19.75 -1.27 13.77
CA GLY A 156 -20.61 -0.59 12.81
C GLY A 156 -21.63 0.25 13.55
N MET A 157 -21.12 1.24 14.29
CA MET A 157 -21.93 2.29 14.90
C MET A 157 -21.35 3.65 14.54
N ASN A 158 -22.15 4.71 14.75
CA ASN A 158 -21.66 6.08 14.62
C ASN A 158 -20.85 6.41 15.87
N GLU A 159 -19.83 7.27 15.71
CA GLU A 159 -18.86 7.54 16.76
C GLU A 159 -19.51 8.25 17.95
N ASP A 160 -20.69 8.85 17.71
CA ASP A 160 -21.42 9.59 18.71
C ASP A 160 -22.46 8.69 19.40
N GLU A 161 -22.51 7.39 19.07
CA GLU A 161 -23.38 6.43 19.71
C GLU A 161 -22.60 5.60 20.74
N VAL A 162 -21.26 5.62 20.69
CA VAL A 162 -20.46 5.07 21.79
C VAL A 162 -20.13 6.22 22.74
N PHE A 163 -20.16 5.96 24.05
CA PHE A 163 -19.93 6.98 25.06
C PHE A 163 -18.84 6.57 26.06
N LEU A 164 -18.30 7.56 26.77
CA LEU A 164 -17.31 7.36 27.81
C LEU A 164 -17.97 7.53 29.17
N MET A 165 -17.84 6.50 30.02
CA MET A 165 -18.19 6.61 31.42
C MET A 165 -16.91 6.48 32.25
N LEU A 166 -16.63 7.49 33.09
CA LEU A 166 -15.57 7.42 34.06
C LEU A 166 -16.12 6.86 35.38
N VAL A 167 -15.29 6.13 36.12
CA VAL A 167 -15.69 5.53 37.39
C VAL A 167 -14.52 5.62 38.36
N GLY A 168 -14.73 6.38 39.45
CA GLY A 168 -13.73 6.52 40.49
C GLY A 168 -14.35 7.17 41.73
N ALA A 169 -13.87 6.75 42.91
CA ALA A 169 -14.38 7.23 44.19
C ALA A 169 -15.91 7.08 44.28
N GLY A 170 -16.47 6.06 43.62
CA GLY A 170 -17.90 5.80 43.71
C GLY A 170 -18.75 6.65 42.75
N LEU A 171 -18.17 7.71 42.18
CA LEU A 171 -18.83 8.48 41.14
C LEU A 171 -18.77 7.71 39.83
N ARG A 172 -19.93 7.58 39.18
CA ARG A 172 -20.02 7.12 37.81
C ARG A 172 -20.57 8.26 36.97
N ILE A 173 -19.77 8.80 36.05
CA ILE A 173 -20.17 9.94 35.24
C ILE A 173 -20.05 9.57 33.76
N VAL A 174 -21.20 9.42 33.09
CA VAL A 174 -21.22 9.23 31.66
C VAL A 174 -21.21 10.60 31.00
N HIS A 175 -20.53 10.69 29.85
CA HIS A 175 -20.35 11.93 29.11
C HIS A 175 -21.17 11.88 27.82
N VAL A 176 -21.97 12.92 27.58
CA VAL A 176 -22.75 12.99 26.36
C VAL A 176 -21.83 13.34 25.18
N THR A 177 -20.94 14.33 25.37
CA THR A 177 -19.91 14.65 24.40
C THR A 177 -18.55 14.43 25.05
N LEU A 178 -17.48 14.50 24.24
CA LEU A 178 -16.14 14.17 24.70
C LEU A 178 -15.11 14.50 23.62
N HIS A 179 -14.04 15.18 23.97
CA HIS A 179 -12.90 15.26 23.05
C HIS A 179 -13.33 15.90 21.73
N GLU A 180 -14.00 17.04 21.88
CA GLU A 180 -14.17 18.03 20.84
C GLU A 180 -14.35 19.35 21.56
N SER A 181 -14.19 20.44 20.80
CA SER A 181 -14.35 21.77 21.36
C SER A 181 -15.74 21.88 21.97
N VAL A 182 -15.85 22.72 23.00
CA VAL A 182 -17.09 23.10 23.63
C VAL A 182 -18.12 23.45 22.54
N ARG A 183 -17.78 24.39 21.66
CA ARG A 183 -18.71 24.88 20.65
C ARG A 183 -19.26 23.71 19.84
N SER A 184 -18.36 22.93 19.26
CA SER A 184 -18.73 21.75 18.50
C SER A 184 -19.64 20.83 19.33
N ALA A 185 -19.25 20.61 20.58
CA ALA A 185 -20.07 19.82 21.50
C ALA A 185 -21.46 20.45 21.63
N LEU A 186 -21.50 21.79 21.77
CA LEU A 186 -22.75 22.49 22.02
C LEU A 186 -23.68 22.32 20.83
N GLU A 187 -23.14 22.39 19.61
CA GLU A 187 -23.95 22.36 18.41
C GLU A 187 -24.28 20.93 18.02
N ARG A 188 -24.01 19.96 18.91
CA ARG A 188 -24.32 18.57 18.67
C ARG A 188 -25.35 18.08 19.69
N LEU A 189 -25.32 18.63 20.91
CA LEU A 189 -26.24 18.18 21.95
C LEU A 189 -27.67 18.18 21.42
N SER A 190 -28.44 17.16 21.79
CA SER A 190 -29.85 17.09 21.43
C SER A 190 -30.56 16.13 22.36
N PRO A 191 -31.91 16.22 22.49
CA PRO A 191 -32.66 15.34 23.39
C PRO A 191 -32.31 13.88 23.17
N GLN A 192 -32.14 13.50 21.90
CA GLN A 192 -31.89 12.13 21.52
C GLN A 192 -30.53 11.66 22.05
N LEU A 193 -29.53 12.53 21.96
CA LEU A 193 -28.15 12.20 22.28
C LEU A 193 -28.02 11.89 23.78
N VAL A 194 -28.57 12.77 24.61
CA VAL A 194 -28.63 12.56 26.05
C VAL A 194 -29.27 11.21 26.33
N ILE A 195 -30.40 10.93 25.67
CA ILE A 195 -31.19 9.74 25.94
C ILE A 195 -30.32 8.50 25.66
N ASN A 196 -29.69 8.50 24.47
CA ASN A 196 -28.86 7.39 24.07
C ASN A 196 -27.82 7.11 25.13
N ALA A 197 -27.21 8.18 25.65
CA ALA A 197 -26.08 8.09 26.57
C ALA A 197 -26.53 7.50 27.90
N VAL A 198 -27.71 7.92 28.37
CA VAL A 198 -28.23 7.44 29.63
C VAL A 198 -28.56 5.96 29.50
N ASP A 199 -29.17 5.58 28.37
CA ASP A 199 -29.52 4.20 28.10
C ASP A 199 -28.28 3.31 28.13
N ALA A 200 -27.23 3.74 27.42
CA ALA A 200 -25.98 2.99 27.35
C ALA A 200 -25.38 2.80 28.76
N ALA A 201 -25.42 3.87 29.56
CA ALA A 201 -24.78 3.91 30.86
C ALA A 201 -25.57 3.15 31.92
N VAL A 202 -26.89 2.99 31.68
CA VAL A 202 -27.75 2.26 32.60
C VAL A 202 -27.59 0.76 32.34
N GLN A 203 -27.53 0.35 31.06
CA GLN A 203 -27.19 -1.01 30.74
C GLN A 203 -25.81 -1.33 31.31
N THR A 204 -24.88 -0.36 31.32
CA THR A 204 -23.56 -0.57 31.86
C THR A 204 -23.65 -0.73 33.38
N CYS A 205 -24.51 0.06 34.02
CA CYS A 205 -24.64 0.00 35.48
C CYS A 205 -25.06 -1.40 35.91
N THR A 206 -25.89 -2.07 35.10
CA THR A 206 -26.31 -3.43 35.39
C THR A 206 -25.10 -4.35 35.42
N LEU A 207 -24.17 -4.16 34.47
CA LEU A 207 -22.93 -4.92 34.46
C LEU A 207 -22.09 -4.63 35.70
N LEU A 208 -22.10 -3.38 36.16
CA LEU A 208 -21.28 -2.95 37.29
C LEU A 208 -21.91 -3.36 38.62
N GLY A 209 -23.19 -3.80 38.60
CA GLY A 209 -23.84 -4.29 39.81
C GLY A 209 -24.68 -3.23 40.49
N VAL A 210 -25.31 -2.35 39.69
CA VAL A 210 -26.36 -1.46 40.16
C VAL A 210 -27.50 -1.55 39.16
N PRO A 211 -28.30 -2.64 39.16
CA PRO A 211 -29.27 -2.88 38.08
C PRO A 211 -30.28 -1.76 37.84
N LYS A 212 -30.67 -1.05 38.90
CA LYS A 212 -31.77 -0.09 38.84
C LYS A 212 -31.30 1.22 39.44
N PRO A 213 -30.42 1.97 38.73
CA PRO A 213 -29.73 3.11 39.32
C PRO A 213 -30.53 4.40 39.33
N GLN A 214 -30.24 5.25 40.33
CA GLN A 214 -30.82 6.58 40.43
C GLN A 214 -29.88 7.59 39.78
N VAL A 215 -30.40 8.27 38.75
CA VAL A 215 -29.60 9.05 37.81
C VAL A 215 -29.77 10.54 38.10
N ALA A 216 -28.68 11.30 37.92
CA ALA A 216 -28.73 12.76 37.94
C ALA A 216 -28.15 13.31 36.65
N VAL A 217 -28.91 14.22 35.98
CA VAL A 217 -28.47 14.82 34.73
C VAL A 217 -27.96 16.24 34.97
N PHE A 218 -26.71 16.51 34.55
CA PHE A 218 -26.12 17.84 34.69
C PHE A 218 -26.77 18.80 33.70
N GLY A 219 -26.88 20.06 34.10
CA GLY A 219 -27.25 21.13 33.19
C GLY A 219 -26.13 21.46 32.19
N ILE A 220 -26.52 21.87 30.99
CA ILE A 220 -25.56 22.35 29.99
C ILE A 220 -24.99 23.67 30.49
N ASN A 221 -25.90 24.59 30.83
CA ASN A 221 -25.53 25.90 31.33
C ASN A 221 -25.42 25.86 32.86
N PRO A 222 -24.69 26.82 33.47
CA PRO A 222 -24.65 26.96 34.93
C PRO A 222 -26.03 26.96 35.56
N HIS A 223 -26.17 26.16 36.64
CA HIS A 223 -27.39 26.07 37.44
C HIS A 223 -28.53 25.52 36.59
N ALA A 224 -28.19 24.73 35.55
CA ALA A 224 -29.15 24.21 34.58
C ALA A 224 -30.00 25.33 33.99
N SER A 225 -29.36 26.44 33.61
CA SER A 225 -29.99 27.55 32.91
C SER A 225 -30.77 28.47 33.86
N GLU A 226 -31.24 27.94 35.00
CA GLU A 226 -32.06 28.69 35.93
C GLU A 226 -33.34 29.11 35.22
N GLY A 227 -34.12 28.10 34.84
CA GLY A 227 -35.27 28.27 33.98
C GLY A 227 -34.80 28.46 32.54
N GLN A 228 -34.65 29.73 32.14
CA GLN A 228 -34.06 30.11 30.86
C GLN A 228 -33.27 31.42 30.98
N LEU A 229 -32.88 31.79 32.20
CA LEU A 229 -32.19 33.06 32.42
C LEU A 229 -30.75 32.96 31.91
N PHE A 230 -30.14 31.80 32.14
CA PHE A 230 -28.78 31.56 31.67
C PHE A 230 -28.83 30.62 30.47
N GLY A 231 -29.56 31.03 29.41
CA GLY A 231 -29.54 30.33 28.14
C GLY A 231 -30.74 29.39 27.97
N LEU A 232 -30.94 28.97 26.70
CA LEU A 232 -32.14 28.22 26.31
C LEU A 232 -31.83 26.74 26.10
N GLU A 233 -30.54 26.38 26.05
CA GLU A 233 -30.13 25.03 25.70
C GLU A 233 -30.78 24.00 26.63
N ASP A 234 -30.78 24.25 27.94
CA ASP A 234 -31.29 23.24 28.85
C ASP A 234 -32.78 22.99 28.59
N SER A 235 -33.53 24.07 28.32
CA SER A 235 -34.96 23.93 28.07
C SER A 235 -35.22 23.16 26.78
N GLN A 236 -34.27 23.20 25.84
CA GLN A 236 -34.45 22.55 24.55
C GLN A 236 -33.89 21.13 24.54
N ILE A 237 -32.96 20.81 25.45
CA ILE A 237 -32.13 19.61 25.31
C ILE A 237 -32.29 18.67 26.50
N THR A 238 -32.10 19.17 27.72
CA THR A 238 -31.97 18.30 28.86
C THR A 238 -33.36 18.02 29.43
N VAL A 239 -34.17 19.09 29.59
CA VAL A 239 -35.50 18.96 30.16
C VAL A 239 -36.32 17.97 29.33
N PRO A 240 -36.45 18.15 27.99
CA PRO A 240 -37.17 17.17 27.16
C PRO A 240 -36.59 15.76 27.18
N ALA A 241 -35.28 15.64 27.43
CA ALA A 241 -34.64 14.34 27.56
C ALA A 241 -35.08 13.66 28.85
N VAL A 242 -35.11 14.44 29.95
CA VAL A 242 -35.43 13.90 31.26
C VAL A 242 -36.87 13.40 31.26
N GLU A 243 -37.78 14.18 30.67
CA GLU A 243 -39.20 13.82 30.66
C GLU A 243 -39.35 12.47 29.98
N THR A 244 -38.71 12.32 28.81
CA THR A 244 -38.81 11.08 28.06
C THR A 244 -38.36 9.90 28.93
N LEU A 245 -37.21 10.07 29.61
CA LEU A 245 -36.59 8.99 30.35
C LEU A 245 -37.45 8.54 31.52
N ARG A 246 -38.03 9.50 32.27
CA ARG A 246 -38.97 9.22 33.34
C ARG A 246 -40.16 8.42 32.83
N LYS A 247 -40.72 8.82 31.68
CA LYS A 247 -41.89 8.15 31.12
C LYS A 247 -41.56 6.69 30.80
N ARG A 248 -40.37 6.43 30.24
CA ARG A 248 -39.90 5.06 30.03
C ARG A 248 -39.72 4.34 31.36
N GLY A 249 -39.79 5.08 32.48
CA GLY A 249 -39.89 4.47 33.79
C GLY A 249 -38.55 4.46 34.53
N LEU A 250 -37.66 5.41 34.20
CA LEU A 250 -36.37 5.55 34.86
C LEU A 250 -36.46 6.58 35.97
N THR A 251 -35.71 6.35 37.06
CA THR A 251 -35.59 7.33 38.13
C THR A 251 -34.49 8.31 37.73
N VAL A 252 -34.87 9.57 37.46
CA VAL A 252 -33.97 10.55 36.87
C VAL A 252 -34.30 11.94 37.43
N ASP A 253 -33.33 12.56 38.09
CA ASP A 253 -33.46 13.89 38.65
C ASP A 253 -32.75 14.89 37.76
N GLY A 254 -33.35 16.07 37.53
CA GLY A 254 -32.65 17.19 36.90
C GLY A 254 -33.33 17.64 35.62
N PRO A 255 -32.72 18.50 34.77
CA PRO A 255 -31.33 18.92 34.92
C PRO A 255 -31.09 19.83 36.12
N MET A 256 -29.93 19.64 36.76
CA MET A 256 -29.50 20.40 37.91
C MET A 256 -28.07 20.92 37.68
N GLY A 257 -27.69 21.97 38.42
CA GLY A 257 -26.33 22.50 38.36
C GLY A 257 -25.31 21.43 38.78
N ALA A 258 -24.33 21.16 37.90
CA ALA A 258 -23.41 20.06 38.12
C ALA A 258 -22.79 20.12 39.52
N ASP A 259 -22.37 21.34 39.91
CA ASP A 259 -21.71 21.59 41.19
C ASP A 259 -22.58 21.17 42.37
N MET A 260 -23.88 21.48 42.26
CA MET A 260 -24.80 21.23 43.36
C MET A 260 -25.01 19.72 43.52
N VAL A 261 -25.31 19.01 42.43
CA VAL A 261 -25.75 17.61 42.50
C VAL A 261 -24.61 16.72 42.98
N LEU A 262 -23.41 16.91 42.43
CA LEU A 262 -22.26 16.12 42.81
C LEU A 262 -21.98 16.25 44.31
N ALA A 263 -22.34 17.38 44.93
CA ALA A 263 -22.09 17.62 46.34
C ALA A 263 -23.02 16.78 47.21
N GLN A 264 -24.27 16.59 46.75
CA GLN A 264 -25.24 15.80 47.50
C GLN A 264 -24.78 14.35 47.61
N ARG A 265 -24.12 13.85 46.54
CA ARG A 265 -23.63 12.48 46.49
C ARG A 265 -24.75 11.51 46.85
N LYS A 266 -25.87 11.58 46.08
CA LYS A 266 -27.05 10.78 46.36
C LYS A 266 -27.51 10.04 45.10
N HIS A 267 -26.59 9.81 44.16
CA HIS A 267 -26.95 9.17 42.89
C HIS A 267 -25.91 8.10 42.53
N ASP A 268 -26.33 7.12 41.73
CA ASP A 268 -25.49 6.02 41.32
C ASP A 268 -24.84 6.29 39.95
N LEU A 269 -25.39 7.25 39.20
CA LEU A 269 -24.93 7.56 37.86
C LEU A 269 -25.20 9.04 37.58
N TYR A 270 -24.12 9.80 37.31
CA TYR A 270 -24.25 11.17 36.86
C TYR A 270 -24.10 11.20 35.34
N VAL A 271 -24.69 12.24 34.71
CA VAL A 271 -24.68 12.39 33.28
C VAL A 271 -24.14 13.78 33.00
N ALA A 272 -22.97 13.85 32.35
CA ALA A 272 -22.35 15.12 32.04
C ALA A 272 -22.51 15.47 30.56
N MET A 273 -22.63 16.76 30.27
CA MET A 273 -22.83 17.27 28.93
C MET A 273 -21.48 17.47 28.24
N LEU A 274 -20.52 18.04 28.97
CA LEU A 274 -19.21 18.38 28.42
C LEU A 274 -18.09 17.62 29.15
N HIS A 275 -17.01 17.35 28.42
CA HIS A 275 -15.86 16.64 28.93
C HIS A 275 -15.49 17.08 30.35
N ASP A 276 -15.24 18.38 30.53
CA ASP A 276 -14.66 18.88 31.77
C ASP A 276 -15.63 18.70 32.93
N GLN A 277 -16.94 18.86 32.69
CA GLN A 277 -17.92 18.71 33.75
C GLN A 277 -17.78 17.36 34.45
N GLY A 278 -17.40 16.31 33.71
CA GLY A 278 -17.24 14.98 34.27
C GLY A 278 -15.80 14.65 34.70
N HIS A 279 -14.81 15.21 33.98
CA HIS A 279 -13.42 14.81 34.18
C HIS A 279 -12.80 15.52 35.39
N ILE A 280 -13.27 16.72 35.73
CA ILE A 280 -12.79 17.46 36.90
C ILE A 280 -13.12 16.73 38.19
N PRO A 281 -14.37 16.29 38.45
CA PRO A 281 -14.68 15.52 39.66
C PRO A 281 -13.77 14.32 39.80
N ILE A 282 -13.71 13.49 38.76
CA ILE A 282 -13.03 12.21 38.76
C ILE A 282 -11.54 12.37 39.07
N LYS A 283 -10.82 13.20 38.31
CA LYS A 283 -9.38 13.26 38.42
C LYS A 283 -8.97 14.04 39.65
N LEU A 284 -9.90 14.78 40.26
CA LEU A 284 -9.66 15.44 41.53
C LEU A 284 -9.72 14.42 42.65
N LEU A 285 -10.73 13.54 42.61
CA LEU A 285 -11.04 12.63 43.71
C LEU A 285 -10.32 11.28 43.57
N ALA A 286 -10.00 10.86 42.35
CA ALA A 286 -9.34 9.57 42.13
C ALA A 286 -8.30 9.71 41.03
N PRO A 287 -7.23 10.51 41.23
CA PRO A 287 -6.30 10.87 40.15
C PRO A 287 -5.46 9.75 39.53
N ASN A 288 -5.54 8.53 40.07
CA ASN A 288 -4.85 7.40 39.44
C ASN A 288 -5.67 6.11 39.50
N GLY A 289 -6.66 6.05 40.41
CA GLY A 289 -7.52 4.90 40.56
C GLY A 289 -8.89 5.08 39.90
N ALA A 290 -8.91 5.67 38.69
CA ALA A 290 -10.13 5.77 37.91
C ALA A 290 -10.06 4.89 36.67
N SER A 291 -11.24 4.55 36.14
CA SER A 291 -11.38 3.64 35.02
C SER A 291 -12.19 4.34 33.92
N ALA A 292 -11.84 4.11 32.66
CA ALA A 292 -12.50 4.79 31.55
C ALA A 292 -13.23 3.76 30.70
N LEU A 293 -14.56 3.76 30.72
CA LEU A 293 -15.34 2.73 30.04
C LEU A 293 -15.94 3.31 28.74
N SER A 294 -15.68 2.60 27.64
CA SER A 294 -16.30 2.84 26.35
C SER A 294 -17.50 1.93 26.18
N ILE A 295 -18.66 2.49 25.82
CA ILE A 295 -19.93 1.79 25.94
C ILE A 295 -20.74 1.93 24.66
N GLY A 296 -21.03 0.79 24.03
CA GLY A 296 -21.57 0.74 22.68
C GLY A 296 -22.14 -0.64 22.38
N GLY A 297 -23.41 -0.69 21.97
CA GLY A 297 -24.17 -1.92 22.01
C GLY A 297 -24.10 -2.47 23.43
N ARG A 298 -23.75 -3.74 23.54
CA ARG A 298 -23.69 -4.37 24.85
C ARG A 298 -22.22 -4.57 25.23
N VAL A 299 -21.33 -3.72 24.70
CA VAL A 299 -19.90 -3.86 24.95
C VAL A 299 -19.41 -2.77 25.90
N VAL A 300 -18.80 -3.20 27.00
CA VAL A 300 -18.14 -2.31 27.93
C VAL A 300 -16.65 -2.61 27.88
N LEU A 301 -15.87 -1.65 27.36
CA LEU A 301 -14.43 -1.78 27.26
C LEU A 301 -13.78 -0.75 28.18
N SER A 302 -12.95 -1.23 29.10
CA SER A 302 -12.20 -0.35 29.99
C SER A 302 -10.73 -0.39 29.62
N SER A 303 -10.08 0.76 29.75
CA SER A 303 -8.64 0.84 29.63
C SER A 303 -8.01 0.66 31.02
N VAL A 304 -6.71 0.48 31.00
CA VAL A 304 -5.87 0.44 32.18
C VAL A 304 -5.15 1.78 32.11
N GLY A 305 -5.52 2.70 32.99
CA GLY A 305 -5.36 4.14 32.74
C GLY A 305 -3.92 4.63 32.85
N HIS A 306 -3.04 3.98 32.10
CA HIS A 306 -1.63 4.34 32.04
C HIS A 306 -1.15 4.01 30.62
N GLY A 307 0.00 4.61 30.24
CA GLY A 307 0.54 4.42 28.91
C GLY A 307 1.24 3.07 28.78
N SER A 308 1.87 2.83 27.61
CA SER A 308 2.52 1.56 27.32
C SER A 308 3.89 1.46 28.01
N ALA A 309 4.45 2.61 28.45
CA ALA A 309 5.69 2.66 29.23
C ALA A 309 6.83 1.91 28.53
N MET A 310 7.19 2.37 27.32
CA MET A 310 8.19 1.70 26.50
C MET A 310 9.57 1.73 27.18
N ASP A 311 9.79 2.75 28.01
CA ASP A 311 11.06 2.96 28.67
C ASP A 311 11.39 1.83 29.64
N ILE A 312 10.36 1.16 30.21
CA ILE A 312 10.58 0.08 31.17
C ILE A 312 10.15 -1.26 30.60
N ALA A 313 9.88 -1.29 29.29
CA ALA A 313 9.30 -2.48 28.68
C ALA A 313 10.34 -3.60 28.67
N GLY A 314 10.03 -4.67 29.40
CA GLY A 314 10.85 -5.87 29.42
C GLY A 314 11.82 -5.88 30.60
N ARG A 315 11.68 -4.90 31.50
CA ARG A 315 12.51 -4.85 32.70
C ARG A 315 11.73 -5.38 33.90
N GLY A 316 10.47 -5.78 33.70
CA GLY A 316 9.75 -6.56 34.69
C GLY A 316 9.49 -5.76 35.97
N VAL A 317 9.37 -4.44 35.86
CA VAL A 317 9.19 -3.58 37.02
C VAL A 317 7.86 -2.84 36.94
N ALA A 318 6.98 -3.26 36.01
CA ALA A 318 5.71 -2.57 35.78
C ALA A 318 4.63 -3.13 36.72
N ASP A 319 3.92 -2.23 37.40
CA ASP A 319 2.89 -2.56 38.39
C ASP A 319 1.57 -2.89 37.70
N ALA A 320 0.87 -3.90 38.24
CA ALA A 320 -0.39 -4.37 37.68
C ALA A 320 -1.58 -3.88 38.49
N THR A 321 -1.33 -3.05 39.53
CA THR A 321 -2.39 -2.62 40.42
C THR A 321 -3.57 -2.13 39.57
N ALA A 322 -3.30 -1.20 38.66
CA ALA A 322 -4.36 -0.59 37.88
C ALA A 322 -5.14 -1.65 37.12
N LEU A 323 -4.45 -2.67 36.58
CA LEU A 323 -5.09 -3.73 35.84
C LEU A 323 -5.99 -4.56 36.76
N LEU A 324 -5.57 -4.77 38.01
CA LEU A 324 -6.38 -5.53 38.95
C LEU A 324 -7.61 -4.73 39.38
N ARG A 325 -7.42 -3.42 39.62
CA ARG A 325 -8.53 -2.56 39.99
C ARG A 325 -9.58 -2.56 38.88
N THR A 326 -9.12 -2.61 37.62
CA THR A 326 -9.98 -2.55 36.46
C THR A 326 -10.76 -3.85 36.36
N ILE A 327 -10.09 -4.98 36.69
CA ILE A 327 -10.72 -6.29 36.66
C ILE A 327 -11.77 -6.38 37.76
N ALA A 328 -11.44 -5.88 38.95
CA ALA A 328 -12.36 -5.89 40.08
C ALA A 328 -13.66 -5.14 39.72
N LEU A 329 -13.54 -4.09 38.92
CA LEU A 329 -14.69 -3.25 38.62
C LEU A 329 -15.61 -3.93 37.60
N LEU A 330 -15.03 -4.35 36.46
CA LEU A 330 -15.80 -5.00 35.41
C LEU A 330 -16.11 -6.45 35.78
N GLY A 331 -15.41 -7.02 36.78
CA GLY A 331 -15.64 -8.39 37.18
C GLY A 331 -16.62 -8.53 38.34
N ALA A 332 -17.45 -7.51 38.59
CA ALA A 332 -18.19 -7.35 39.83
C ALA A 332 -19.41 -8.28 39.88
N GLN A 333 -19.79 -8.65 41.11
CA GLN A 333 -20.79 -9.66 41.37
C GLN A 333 -22.19 -9.22 40.96
N PRO A 334 -22.71 -8.05 41.43
CA PRO A 334 -24.15 -7.79 41.34
C PRO A 334 -24.61 -7.52 39.91
N THR B 22 -15.94 24.00 4.64
CA THR B 22 -14.97 24.78 5.46
C THR B 22 -13.55 24.29 5.19
N ILE B 23 -12.71 25.19 4.67
CA ILE B 23 -11.36 24.85 4.24
C ILE B 23 -10.30 25.43 5.19
N VAL B 24 -10.70 26.38 6.05
CA VAL B 24 -9.74 27.06 6.91
C VAL B 24 -9.93 26.61 8.36
N HIS B 25 -8.98 25.84 8.89
CA HIS B 25 -9.08 25.32 10.24
C HIS B 25 -7.94 25.82 11.10
N ARG B 26 -7.34 26.98 10.75
CA ARG B 26 -6.31 27.58 11.59
C ARG B 26 -6.03 29.03 11.19
N ARG B 27 -5.17 29.71 11.97
CA ARG B 27 -4.93 31.12 11.75
C ARG B 27 -3.84 31.28 10.70
N LEU B 28 -4.07 32.15 9.71
CA LEU B 28 -3.16 32.35 8.60
C LEU B 28 -2.93 33.85 8.38
N ALA B 29 -1.73 34.19 7.90
CA ALA B 29 -1.42 35.54 7.45
C ALA B 29 -1.39 35.58 5.93
N LEU B 30 -2.18 36.49 5.35
CA LEU B 30 -2.25 36.67 3.91
C LEU B 30 -1.60 38.00 3.55
N ALA B 31 -0.47 37.95 2.84
CA ALA B 31 0.21 39.15 2.41
C ALA B 31 -0.11 39.36 0.93
N ILE B 32 -0.48 40.59 0.57
CA ILE B 32 -1.23 40.79 -0.66
C ILE B 32 -0.28 40.97 -1.85
N GLY B 33 1.03 40.84 -1.61
CA GLY B 33 2.01 40.85 -2.70
C GLY B 33 2.11 42.25 -3.33
N ASP B 34 2.45 42.31 -4.62
CA ASP B 34 2.60 43.60 -5.29
C ASP B 34 1.25 44.33 -5.30
N PRO B 35 1.18 45.52 -4.67
CA PRO B 35 -0.08 46.27 -4.55
C PRO B 35 -0.59 46.84 -5.87
N HIS B 36 0.20 46.69 -6.94
CA HIS B 36 -0.19 47.07 -8.29
C HIS B 36 -0.70 45.86 -9.07
N GLY B 37 -0.25 44.65 -8.69
CA GLY B 37 -0.65 43.43 -9.37
C GLY B 37 -2.05 43.00 -8.96
N ILE B 38 -2.36 41.72 -9.20
CA ILE B 38 -3.66 41.15 -8.91
C ILE B 38 -3.73 40.68 -7.45
N GLY B 39 -2.63 40.78 -6.70
CA GLY B 39 -2.63 40.33 -5.32
C GLY B 39 -3.86 40.84 -4.57
N PRO B 40 -4.00 42.17 -4.39
CA PRO B 40 -5.15 42.73 -3.69
C PRO B 40 -6.49 42.18 -4.17
N GLU B 41 -6.69 42.21 -5.48
CA GLU B 41 -7.89 41.67 -6.10
C GLU B 41 -8.16 40.26 -5.56
N ILE B 42 -7.21 39.33 -5.78
CA ILE B 42 -7.47 37.92 -5.53
C ILE B 42 -7.65 37.68 -4.03
N ALA B 43 -6.89 38.43 -3.21
CA ALA B 43 -7.12 38.42 -1.78
C ALA B 43 -8.60 38.55 -1.49
N LEU B 44 -9.20 39.67 -1.94
CA LEU B 44 -10.59 39.99 -1.63
C LEU B 44 -11.50 38.89 -2.18
N LYS B 45 -11.28 38.52 -3.45
CA LYS B 45 -12.15 37.53 -4.07
C LYS B 45 -12.11 36.22 -3.28
N ALA B 46 -10.95 35.89 -2.71
CA ALA B 46 -10.77 34.63 -2.01
C ALA B 46 -11.41 34.67 -0.61
N LEU B 47 -11.40 35.84 0.03
CA LEU B 47 -12.06 36.00 1.33
C LEU B 47 -13.59 36.04 1.14
N GLN B 48 -14.03 36.60 0.01
CA GLN B 48 -15.44 36.63 -0.40
C GLN B 48 -16.05 35.25 -0.26
N GLN B 49 -15.32 34.22 -0.71
CA GLN B 49 -15.89 32.89 -0.85
C GLN B 49 -15.95 32.14 0.47
N LEU B 50 -15.32 32.67 1.52
CA LEU B 50 -15.30 32.01 2.82
C LEU B 50 -16.48 32.48 3.68
N SER B 51 -16.86 31.67 4.67
CA SER B 51 -17.75 32.08 5.75
C SER B 51 -17.06 33.13 6.61
N ALA B 52 -17.83 33.85 7.44
CA ALA B 52 -17.28 34.92 8.26
C ALA B 52 -16.37 34.35 9.33
N THR B 53 -16.74 33.17 9.84
CA THR B 53 -15.93 32.43 10.80
C THR B 53 -14.52 32.21 10.25
N GLU B 54 -14.43 31.78 8.98
CA GLU B 54 -13.17 31.49 8.33
C GLU B 54 -12.35 32.76 8.07
N ARG B 55 -13.06 33.86 7.80
CA ARG B 55 -12.41 35.12 7.48
C ARG B 55 -11.68 35.69 8.68
N SER B 56 -12.16 35.37 9.89
CA SER B 56 -11.60 35.94 11.10
C SER B 56 -10.38 35.13 11.56
N LEU B 57 -10.11 34.02 10.88
CA LEU B 57 -8.86 33.29 11.05
C LEU B 57 -7.78 33.86 10.13
N ILE B 58 -8.13 34.71 9.17
CA ILE B 58 -7.16 35.18 8.20
C ILE B 58 -6.86 36.66 8.42
N LYS B 59 -5.63 36.94 8.84
CA LYS B 59 -5.13 38.30 8.98
C LYS B 59 -4.43 38.71 7.68
N VAL B 60 -4.77 39.90 7.18
CA VAL B 60 -4.30 40.40 5.90
C VAL B 60 -3.25 41.49 6.11
N TYR B 61 -2.11 41.33 5.43
CA TYR B 61 -0.98 42.24 5.58
C TYR B 61 -0.70 42.94 4.24
N GLY B 62 -0.70 44.27 4.27
CA GLY B 62 -0.55 45.08 3.07
C GLY B 62 -1.14 46.48 3.25
N PRO B 63 -0.90 47.38 2.27
CA PRO B 63 -1.40 48.77 2.36
C PRO B 63 -2.90 48.85 2.14
N TRP B 64 -3.56 49.61 3.02
CA TRP B 64 -5.01 49.71 3.02
C TRP B 64 -5.46 50.34 1.70
N SER B 65 -4.69 51.30 1.18
CA SER B 65 -5.05 52.01 -0.04
C SER B 65 -5.31 51.04 -1.21
N ALA B 66 -4.48 49.99 -1.34
CA ALA B 66 -4.59 49.03 -2.43
C ALA B 66 -5.81 48.10 -2.26
N LEU B 67 -6.13 47.76 -1.02
CA LEU B 67 -7.31 46.97 -0.72
C LEU B 67 -8.58 47.81 -0.95
N GLU B 68 -8.49 49.13 -0.69
CA GLU B 68 -9.55 50.04 -1.04
C GLU B 68 -9.74 50.03 -2.56
N GLN B 69 -8.65 50.26 -3.29
CA GLN B 69 -8.63 50.33 -4.74
C GLN B 69 -9.27 49.07 -5.34
N ALA B 70 -8.83 47.89 -4.89
CA ALA B 70 -9.34 46.65 -5.45
C ALA B 70 -10.82 46.45 -5.10
N ALA B 71 -11.28 47.07 -4.00
CA ALA B 71 -12.65 46.90 -3.53
C ALA B 71 -13.64 47.74 -4.35
N GLN B 72 -13.25 48.98 -4.67
CA GLN B 72 -14.10 49.86 -5.47
C GLN B 72 -14.23 49.29 -6.88
N ILE B 73 -13.13 48.74 -7.41
CA ILE B 73 -13.14 48.11 -8.72
C ILE B 73 -14.08 46.90 -8.72
N CYS B 74 -13.91 46.00 -7.74
CA CYS B 74 -14.62 44.73 -7.73
C CYS B 74 -16.00 44.87 -7.10
N GLN B 75 -16.30 46.05 -6.51
CA GLN B 75 -17.57 46.32 -5.85
C GLN B 75 -17.75 45.40 -4.65
N MET B 76 -16.76 45.40 -3.75
CA MET B 76 -16.73 44.53 -2.59
C MET B 76 -16.44 45.36 -1.33
N GLU B 77 -16.99 46.59 -1.27
CA GLU B 77 -16.72 47.49 -0.16
C GLU B 77 -17.24 46.90 1.15
N SER B 78 -18.33 46.12 1.09
CA SER B 78 -18.91 45.46 2.24
C SER B 78 -17.88 44.64 3.01
N LEU B 79 -16.91 44.07 2.29
CA LEU B 79 -16.04 43.04 2.85
C LEU B 79 -14.83 43.64 3.55
N LEU B 80 -14.59 44.95 3.44
CA LEU B 80 -13.44 45.58 4.07
C LEU B 80 -13.67 45.69 5.57
N GLN B 81 -14.91 45.95 5.97
CA GLN B 81 -15.29 46.08 7.37
C GLN B 81 -15.17 44.74 8.08
N ASP B 82 -15.42 43.65 7.35
CA ASP B 82 -15.50 42.32 7.95
C ASP B 82 -14.18 41.58 7.69
N LEU B 83 -13.07 42.30 7.90
CA LEU B 83 -11.76 41.85 7.48
C LEU B 83 -10.76 42.20 8.58
N ILE B 84 -9.93 41.23 8.97
CA ILE B 84 -8.85 41.49 9.91
C ILE B 84 -7.64 41.93 9.10
N HIS B 85 -7.08 43.11 9.43
CA HIS B 85 -6.07 43.76 8.60
C HIS B 85 -5.00 44.44 9.47
N GLU B 86 -3.75 44.32 9.04
CA GLU B 86 -2.63 45.07 9.60
C GLU B 86 -1.92 45.82 8.47
N GLU B 87 -1.76 47.14 8.65
CA GLU B 87 -1.08 47.97 7.66
C GLU B 87 0.39 47.58 7.61
N ALA B 88 0.85 47.18 6.42
CA ALA B 88 2.25 47.02 6.08
C ALA B 88 2.44 47.52 4.65
N GLY B 89 3.64 48.02 4.32
CA GLY B 89 3.95 48.36 2.94
C GLY B 89 3.12 49.54 2.43
N SER B 90 3.00 50.57 3.27
CA SER B 90 2.17 51.73 2.98
C SER B 90 2.67 52.42 1.72
N LEU B 91 1.75 53.04 0.98
CA LEU B 91 2.05 53.72 -0.27
C LEU B 91 1.95 55.24 -0.08
N ALA B 92 2.85 55.97 -0.75
CA ALA B 92 2.95 57.42 -0.63
C ALA B 92 2.11 58.12 -1.69
N GLN B 93 1.55 57.33 -2.64
CA GLN B 93 0.88 57.91 -3.81
C GLN B 93 -0.27 56.99 -4.22
N PRO B 94 -1.25 57.46 -5.03
CA PRO B 94 -2.34 56.61 -5.49
C PRO B 94 -1.90 55.31 -6.14
N VAL B 95 -2.74 54.27 -6.05
CA VAL B 95 -2.42 52.98 -6.61
C VAL B 95 -2.54 53.09 -8.12
N GLN B 96 -1.62 52.43 -8.84
CA GLN B 96 -1.58 52.44 -10.29
C GLN B 96 -1.61 51.00 -10.79
N CYS B 97 -2.82 50.49 -10.99
CA CYS B 97 -3.01 49.10 -11.35
C CYS B 97 -2.29 48.82 -12.67
N GLY B 98 -1.22 48.01 -12.59
CA GLY B 98 -0.54 47.45 -13.75
C GLY B 98 0.90 47.99 -13.90
N GLU B 99 1.26 49.00 -13.13
CA GLU B 99 2.52 49.70 -13.32
C GLU B 99 3.59 49.11 -12.42
N ILE B 100 4.82 49.03 -12.94
CA ILE B 100 5.94 48.49 -12.22
C ILE B 100 6.67 49.65 -11.56
N THR B 101 6.55 49.80 -10.23
CA THR B 101 7.09 50.97 -9.56
C THR B 101 7.94 50.55 -8.38
N PRO B 102 9.13 51.18 -8.16
CA PRO B 102 9.95 50.92 -6.99
C PRO B 102 9.17 50.83 -5.68
N GLN B 103 8.11 51.64 -5.57
CA GLN B 103 7.35 51.75 -4.33
C GLN B 103 6.66 50.43 -4.05
N ALA B 104 6.00 49.90 -5.09
CA ALA B 104 5.18 48.70 -5.00
C ALA B 104 6.06 47.49 -4.65
N GLY B 105 7.28 47.48 -5.16
CA GLY B 105 8.28 46.50 -4.80
C GLY B 105 8.54 46.48 -3.28
N LEU B 106 8.71 47.67 -2.70
CA LEU B 106 8.93 47.79 -1.27
C LEU B 106 7.71 47.31 -0.49
N SER B 107 6.52 47.75 -0.91
CA SER B 107 5.29 47.32 -0.30
C SER B 107 5.27 45.80 -0.15
N THR B 108 5.47 45.11 -1.27
CA THR B 108 5.43 43.65 -1.34
C THR B 108 6.27 43.07 -0.21
N VAL B 109 7.53 43.53 -0.12
CA VAL B 109 8.53 43.01 0.80
C VAL B 109 8.14 43.30 2.24
N GLN B 110 7.70 44.54 2.50
CA GLN B 110 7.29 44.96 3.84
C GLN B 110 6.10 44.11 4.29
N SER B 111 5.10 43.96 3.41
CA SER B 111 3.91 43.17 3.68
C SER B 111 4.28 41.73 4.01
N ALA B 112 5.18 41.16 3.20
CA ALA B 112 5.57 39.76 3.35
C ALA B 112 6.40 39.62 4.61
N THR B 113 7.31 40.59 4.83
CA THR B 113 8.10 40.65 6.05
C THR B 113 7.18 40.66 7.27
N ALA B 114 6.11 41.47 7.21
CA ALA B 114 5.19 41.62 8.32
C ALA B 114 4.53 40.28 8.66
N ALA B 115 4.00 39.61 7.63
CA ALA B 115 3.23 38.40 7.87
C ALA B 115 4.12 37.30 8.44
N ILE B 116 5.40 37.29 8.02
CA ILE B 116 6.34 36.28 8.46
C ILE B 116 6.60 36.44 9.94
N ARG B 117 6.67 37.69 10.41
CA ARG B 117 7.04 38.01 11.78
C ARG B 117 5.87 37.71 12.71
N ALA B 118 4.66 37.72 12.17
CA ALA B 118 3.47 37.34 12.92
C ALA B 118 3.37 35.82 13.02
N CYS B 119 3.91 35.10 12.04
CA CYS B 119 4.06 33.65 12.12
C CYS B 119 5.19 33.31 13.10
N GLU B 120 6.36 33.94 12.91
CA GLU B 120 7.52 33.76 13.76
C GLU B 120 7.17 33.90 15.23
N SER B 121 6.38 34.93 15.57
CA SER B 121 6.04 35.27 16.95
C SER B 121 4.86 34.45 17.44
N GLY B 122 4.06 33.90 16.51
CA GLY B 122 3.04 32.92 16.85
C GLY B 122 1.61 33.45 16.73
N GLU B 123 1.44 34.65 16.16
CA GLU B 123 0.12 35.20 15.94
C GLU B 123 -0.66 34.37 14.93
N VAL B 124 0.05 33.76 13.97
CA VAL B 124 -0.56 32.87 12.99
C VAL B 124 0.31 31.62 12.84
N ASP B 125 -0.22 30.61 12.14
CA ASP B 125 0.43 29.31 12.02
C ASP B 125 1.12 29.14 10.67
N ALA B 126 0.74 29.93 9.67
CA ALA B 126 1.46 29.93 8.40
C ALA B 126 1.24 31.25 7.66
N VAL B 127 2.01 31.44 6.59
CA VAL B 127 1.84 32.59 5.71
C VAL B 127 1.56 32.14 4.29
N ILE B 128 0.64 32.85 3.64
CA ILE B 128 0.45 32.78 2.20
C ILE B 128 0.86 34.14 1.64
N ALA B 129 1.68 34.15 0.59
CA ALA B 129 2.09 35.38 -0.09
C ALA B 129 1.47 35.43 -1.47
N CYS B 130 0.74 36.52 -1.74
CA CYS B 130 0.24 36.78 -3.07
C CYS B 130 1.40 37.22 -3.97
N PRO B 131 1.20 37.31 -5.30
CA PRO B 131 2.33 37.47 -6.22
C PRO B 131 3.12 38.77 -6.10
N HIS B 132 4.41 38.66 -6.41
CA HIS B 132 5.35 39.76 -6.44
C HIS B 132 5.75 40.03 -7.89
N HIS B 133 6.40 41.18 -8.13
CA HIS B 133 7.08 41.45 -9.39
C HIS B 133 8.54 41.75 -9.06
N GLU B 134 9.45 40.95 -9.63
CA GLU B 134 10.86 40.94 -9.27
C GLU B 134 11.52 42.27 -9.65
N THR B 135 11.12 42.81 -10.81
CA THR B 135 11.68 44.06 -11.30
C THR B 135 11.44 45.15 -10.26
N ALA B 136 10.16 45.26 -9.84
CA ALA B 136 9.72 46.29 -8.91
C ALA B 136 10.55 46.24 -7.63
N ILE B 137 10.91 45.02 -7.21
CA ILE B 137 11.64 44.83 -5.97
C ILE B 137 13.10 45.24 -6.20
N HIS B 138 13.66 44.80 -7.33
CA HIS B 138 15.04 45.12 -7.67
C HIS B 138 15.17 46.65 -7.78
N ARG B 139 14.20 47.28 -8.46
CA ARG B 139 14.25 48.72 -8.68
C ARG B 139 14.13 49.50 -7.37
N ALA B 140 13.57 48.88 -6.32
CA ALA B 140 13.54 49.48 -5.00
C ALA B 140 14.92 49.41 -4.33
N GLY B 141 15.81 48.58 -4.89
CA GLY B 141 17.15 48.42 -4.38
C GLY B 141 17.29 47.20 -3.48
N ILE B 142 16.34 46.28 -3.56
CA ILE B 142 16.28 45.15 -2.64
C ILE B 142 16.71 43.88 -3.36
N ALA B 143 17.65 43.17 -2.72
CA ALA B 143 18.06 41.85 -3.16
C ALA B 143 16.92 40.85 -2.89
N PHE B 144 16.51 40.15 -3.94
CA PHE B 144 15.51 39.10 -3.81
C PHE B 144 15.83 37.97 -4.79
N SER B 145 16.11 36.77 -4.25
CA SER B 145 16.27 35.56 -5.05
C SER B 145 15.14 34.57 -4.79
N GLY B 146 14.05 35.03 -4.16
CA GLY B 146 12.93 34.16 -3.86
C GLY B 146 12.49 34.21 -2.39
N TYR B 147 11.49 33.39 -2.07
CA TYR B 147 10.89 33.35 -0.74
C TYR B 147 11.78 32.55 0.20
N PRO B 148 12.45 31.46 -0.23
CA PRO B 148 13.48 30.84 0.60
C PRO B 148 14.45 31.85 1.20
N SER B 149 15.01 32.72 0.34
CA SER B 149 16.00 33.70 0.77
C SER B 149 15.37 34.76 1.68
N LEU B 150 14.29 35.39 1.20
CA LEU B 150 13.66 36.45 1.98
C LEU B 150 13.35 35.93 3.37
N LEU B 151 12.81 34.70 3.43
CA LEU B 151 12.35 34.12 4.67
C LEU B 151 13.54 33.92 5.60
N ALA B 152 14.69 33.54 5.03
CA ALA B 152 15.90 33.33 5.79
C ALA B 152 16.32 34.64 6.45
N ASN B 153 16.47 35.68 5.62
CA ASN B 153 16.94 36.99 6.06
C ASN B 153 16.10 37.48 7.24
N VAL B 154 14.78 37.50 7.05
CA VAL B 154 13.88 38.05 8.05
C VAL B 154 14.00 37.29 9.38
N LEU B 155 14.25 35.97 9.31
CA LEU B 155 14.27 35.12 10.48
C LEU B 155 15.66 35.03 11.10
N GLY B 156 16.66 35.66 10.45
CA GLY B 156 18.04 35.55 10.86
C GLY B 156 18.48 34.08 10.82
N MET B 157 18.43 33.48 9.63
CA MET B 157 18.90 32.12 9.41
C MET B 157 19.80 32.10 8.18
N ASN B 158 20.58 31.01 8.04
CA ASN B 158 21.34 30.76 6.83
C ASN B 158 20.40 30.28 5.73
N GLU B 159 20.74 30.63 4.48
CA GLU B 159 19.86 30.39 3.35
C GLU B 159 19.72 28.90 3.06
N ASP B 160 20.65 28.10 3.62
CA ASP B 160 20.65 26.65 3.43
C ASP B 160 19.91 25.94 4.56
N GLU B 161 19.34 26.71 5.50
CA GLU B 161 18.53 26.16 6.58
C GLU B 161 17.04 26.28 6.27
N VAL B 162 16.68 27.15 5.31
CA VAL B 162 15.33 27.18 4.76
C VAL B 162 15.30 26.24 3.57
N PHE B 163 14.20 25.49 3.43
CA PHE B 163 14.04 24.53 2.35
C PHE B 163 12.73 24.79 1.61
N LEU B 164 12.67 24.28 0.37
CA LEU B 164 11.50 24.38 -0.47
C LEU B 164 10.84 23.02 -0.53
N MET B 165 9.54 22.99 -0.19
CA MET B 165 8.70 21.83 -0.43
C MET B 165 7.64 22.20 -1.45
N LEU B 166 7.57 21.43 -2.55
CA LEU B 166 6.51 21.54 -3.53
C LEU B 166 5.39 20.59 -3.15
N VAL B 167 4.15 20.99 -3.46
CA VAL B 167 2.97 20.16 -3.18
C VAL B 167 1.99 20.30 -4.35
N GLY B 168 1.76 19.17 -5.04
CA GLY B 168 0.82 19.10 -6.14
C GLY B 168 0.51 17.65 -6.48
N ALA B 169 -0.74 17.40 -6.89
CA ALA B 169 -1.22 16.06 -7.20
C ALA B 169 -0.93 15.07 -6.07
N GLY B 170 -0.93 15.55 -4.81
CA GLY B 170 -0.75 14.70 -3.66
C GLY B 170 0.71 14.39 -3.33
N LEU B 171 1.63 14.66 -4.27
CA LEU B 171 3.05 14.52 -4.01
C LEU B 171 3.53 15.70 -3.17
N ARG B 172 4.25 15.39 -2.09
CA ARG B 172 4.96 16.40 -1.33
C ARG B 172 6.45 16.10 -1.43
N ILE B 173 7.22 16.99 -2.07
CA ILE B 173 8.63 16.75 -2.32
C ILE B 173 9.42 17.91 -1.74
N VAL B 174 10.17 17.64 -0.66
CA VAL B 174 11.08 18.63 -0.10
C VAL B 174 12.41 18.47 -0.82
N HIS B 175 13.10 19.60 -1.02
CA HIS B 175 14.37 19.65 -1.72
C HIS B 175 15.51 19.92 -0.73
N VAL B 176 16.57 19.12 -0.79
CA VAL B 176 17.73 19.34 0.06
C VAL B 176 18.55 20.51 -0.50
N THR B 177 18.77 20.53 -1.82
CA THR B 177 19.38 21.68 -2.50
C THR B 177 18.36 22.26 -3.48
N LEU B 178 18.66 23.43 -4.04
CA LEU B 178 17.69 24.18 -4.84
C LEU B 178 18.37 25.34 -5.55
N HIS B 179 18.18 25.50 -6.85
CA HIS B 179 18.62 26.72 -7.53
C HIS B 179 20.11 26.95 -7.29
N GLU B 180 20.91 25.91 -7.56
CA GLU B 180 22.33 26.06 -7.78
C GLU B 180 22.76 24.94 -8.69
N SER B 181 23.93 25.11 -9.30
CA SER B 181 24.46 24.13 -10.21
C SER B 181 24.52 22.78 -9.50
N VAL B 182 24.38 21.71 -10.30
CA VAL B 182 24.50 20.34 -9.81
C VAL B 182 25.79 20.22 -9.00
N ARG B 183 26.92 20.64 -9.57
CA ARG B 183 28.22 20.45 -8.94
C ARG B 183 28.21 21.09 -7.56
N SER B 184 27.86 22.38 -7.52
CA SER B 184 27.76 23.11 -6.27
C SER B 184 26.84 22.38 -5.30
N ALA B 185 25.69 21.92 -5.79
CA ALA B 185 24.76 21.15 -4.97
C ALA B 185 25.46 19.90 -4.42
N LEU B 186 26.22 19.22 -5.29
CA LEU B 186 26.83 17.97 -4.94
C LEU B 186 27.86 18.18 -3.83
N GLU B 187 28.63 19.28 -3.91
CA GLU B 187 29.71 19.51 -2.96
C GLU B 187 29.17 20.20 -1.70
N ARG B 188 27.85 20.21 -1.53
CA ARG B 188 27.23 20.77 -0.33
C ARG B 188 26.50 19.65 0.43
N LEU B 189 25.97 18.65 -0.28
CA LEU B 189 25.21 17.59 0.37
C LEU B 189 26.04 17.01 1.52
N SER B 190 25.36 16.74 2.64
CA SER B 190 26.01 16.09 3.78
C SER B 190 24.93 15.44 4.64
N PRO B 191 25.27 14.43 5.48
CA PRO B 191 24.28 13.75 6.29
C PRO B 191 23.42 14.74 7.08
N GLN B 192 24.06 15.79 7.59
CA GLN B 192 23.39 16.78 8.42
C GLN B 192 22.33 17.52 7.62
N LEU B 193 22.66 17.88 6.37
CA LEU B 193 21.81 18.74 5.55
C LEU B 193 20.52 18.00 5.21
N VAL B 194 20.64 16.74 4.78
CA VAL B 194 19.48 15.90 4.51
C VAL B 194 18.60 15.87 5.75
N ILE B 195 19.22 15.64 6.91
CA ILE B 195 18.49 15.47 8.15
C ILE B 195 17.69 16.74 8.44
N ASN B 196 18.35 17.90 8.35
CA ASN B 196 17.71 19.17 8.62
C ASN B 196 16.45 19.29 7.76
N ALA B 197 16.58 18.91 6.47
CA ALA B 197 15.52 19.12 5.50
C ALA B 197 14.32 18.23 5.81
N VAL B 198 14.61 16.98 6.21
CA VAL B 198 13.55 16.05 6.53
C VAL B 198 12.83 16.51 7.79
N ASP B 199 13.59 16.98 8.78
CA ASP B 199 13.03 17.51 10.02
C ASP B 199 12.06 18.65 9.72
N ALA B 200 12.51 19.62 8.90
CA ALA B 200 11.71 20.78 8.57
C ALA B 200 10.42 20.36 7.88
N ALA B 201 10.52 19.38 6.97
CA ALA B 201 9.43 18.98 6.11
C ALA B 201 8.44 18.07 6.85
N VAL B 202 8.90 17.42 7.93
CA VAL B 202 8.04 16.56 8.74
C VAL B 202 7.25 17.44 9.70
N GLN B 203 7.90 18.44 10.30
CA GLN B 203 7.20 19.48 11.06
C GLN B 203 6.12 20.10 10.16
N THR B 204 6.46 20.33 8.88
CA THR B 204 5.53 20.93 7.95
C THR B 204 4.37 19.98 7.69
N CYS B 205 4.65 18.68 7.57
CA CYS B 205 3.62 17.70 7.28
C CYS B 205 2.56 17.69 8.40
N THR B 206 2.99 17.93 9.65
CA THR B 206 2.07 18.02 10.77
C THR B 206 1.09 19.17 10.54
N LEU B 207 1.60 20.30 10.04
CA LEU B 207 0.78 21.45 9.74
C LEU B 207 -0.20 21.10 8.62
N LEU B 208 0.25 20.30 7.64
CA LEU B 208 -0.55 19.94 6.47
C LEU B 208 -1.58 18.87 6.82
N GLY B 209 -1.44 18.21 7.97
CA GLY B 209 -2.39 17.20 8.41
C GLY B 209 -1.97 15.79 8.01
N VAL B 210 -0.66 15.52 8.04
CA VAL B 210 -0.14 14.16 8.03
C VAL B 210 0.89 14.06 9.15
N PRO B 211 0.48 13.99 10.44
CA PRO B 211 1.41 14.16 11.56
C PRO B 211 2.61 13.21 11.61
N LYS B 212 2.39 11.97 11.16
CA LYS B 212 3.38 10.90 11.30
C LYS B 212 3.58 10.25 9.93
N PRO B 213 4.26 10.95 9.00
CA PRO B 213 4.27 10.55 7.59
C PRO B 213 5.29 9.46 7.27
N GLN B 214 4.99 8.70 6.22
CA GLN B 214 5.92 7.72 5.66
C GLN B 214 6.74 8.37 4.55
N VAL B 215 8.07 8.40 4.76
CA VAL B 215 8.99 9.21 4.00
C VAL B 215 9.78 8.31 3.05
N ALA B 216 10.07 8.84 1.86
CA ALA B 216 10.96 8.20 0.90
C ALA B 216 12.08 9.17 0.53
N VAL B 217 13.33 8.74 0.69
CA VAL B 217 14.51 9.56 0.40
C VAL B 217 15.10 9.15 -0.95
N PHE B 218 15.22 10.13 -1.86
CA PHE B 218 15.78 9.88 -3.18
C PHE B 218 17.28 9.64 -3.07
N GLY B 219 17.81 8.81 -3.97
CA GLY B 219 19.24 8.68 -4.13
C GLY B 219 19.84 9.89 -4.85
N ILE B 220 21.09 10.22 -4.50
CA ILE B 220 21.83 11.26 -5.17
C ILE B 220 22.14 10.77 -6.57
N ASN B 221 22.73 9.58 -6.65
CA ASN B 221 23.08 8.95 -7.92
C ASN B 221 21.94 8.08 -8.41
N PRO B 222 21.88 7.76 -9.73
CA PRO B 222 20.89 6.82 -10.26
C PRO B 222 20.82 5.52 -9.47
N HIS B 223 19.58 5.11 -9.15
CA HIS B 223 19.30 3.85 -8.47
C HIS B 223 19.91 3.85 -7.07
N ALA B 224 20.08 5.05 -6.50
CA ALA B 224 20.74 5.25 -5.22
C ALA B 224 22.12 4.59 -5.19
N SER B 225 22.90 4.78 -6.26
CA SER B 225 24.29 4.33 -6.34
C SER B 225 24.39 2.83 -6.67
N GLU B 226 23.39 2.03 -6.32
CA GLU B 226 23.47 0.57 -6.45
C GLU B 226 24.62 0.03 -5.61
N GLY B 227 24.59 0.31 -4.30
CA GLY B 227 25.63 -0.09 -3.35
C GLY B 227 27.07 0.27 -3.76
N GLN B 228 27.29 1.45 -4.37
CA GLN B 228 28.59 2.02 -4.63
C GLN B 228 29.10 1.76 -6.04
N LEU B 229 28.32 1.08 -6.89
CA LEU B 229 28.72 0.84 -8.27
C LEU B 229 28.62 2.14 -9.07
N PHE B 230 27.56 2.91 -8.79
CA PHE B 230 27.35 4.20 -9.43
C PHE B 230 27.66 5.31 -8.43
N GLY B 231 28.89 5.31 -7.89
CA GLY B 231 29.38 6.40 -7.06
C GLY B 231 29.25 6.14 -5.56
N LEU B 232 29.95 6.98 -4.77
CA LEU B 232 30.08 6.81 -3.34
C LEU B 232 29.19 7.76 -2.55
N GLU B 233 28.61 8.76 -3.23
CA GLU B 233 27.89 9.83 -2.56
C GLU B 233 26.79 9.25 -1.65
N ASP B 234 26.00 8.33 -2.17
CA ASP B 234 24.86 7.84 -1.43
C ASP B 234 25.31 7.14 -0.16
N SER B 235 26.40 6.37 -0.26
CA SER B 235 26.89 5.64 0.90
C SER B 235 27.41 6.60 1.97
N GLN B 236 27.86 7.79 1.56
CA GLN B 236 28.46 8.73 2.51
C GLN B 236 27.42 9.73 3.02
N ILE B 237 26.30 9.90 2.30
CA ILE B 237 25.41 11.04 2.56
C ILE B 237 24.00 10.59 2.94
N THR B 238 23.37 9.75 2.11
CA THR B 238 21.96 9.46 2.27
C THR B 238 21.77 8.32 3.27
N VAL B 239 22.54 7.24 3.08
CA VAL B 239 22.43 6.07 3.93
C VAL B 239 22.68 6.47 5.39
N PRO B 240 23.79 7.14 5.75
CA PRO B 240 23.99 7.60 7.13
C PRO B 240 22.93 8.56 7.66
N ALA B 241 22.29 9.32 6.76
CA ALA B 241 21.20 10.21 7.13
C ALA B 241 19.96 9.40 7.50
N VAL B 242 19.67 8.37 6.69
CA VAL B 242 18.49 7.53 6.88
C VAL B 242 18.61 6.80 8.21
N GLU B 243 19.79 6.24 8.51
CA GLU B 243 19.99 5.48 9.74
C GLU B 243 19.66 6.38 10.93
N THR B 244 20.21 7.60 10.93
CA THR B 244 19.99 8.53 12.02
C THR B 244 18.49 8.77 12.20
N LEU B 245 17.78 9.00 11.09
CA LEU B 245 16.37 9.38 11.14
C LEU B 245 15.49 8.26 11.67
N ARG B 246 15.76 7.02 11.26
CA ARG B 246 15.10 5.82 11.78
C ARG B 246 15.30 5.71 13.29
N LYS B 247 16.54 5.94 13.76
CA LYS B 247 16.85 5.85 15.19
C LYS B 247 16.02 6.87 15.98
N ARG B 248 15.88 8.09 15.46
CA ARG B 248 15.01 9.09 16.07
C ARG B 248 13.55 8.63 16.00
N GLY B 249 13.28 7.56 15.26
CA GLY B 249 12.01 6.87 15.34
C GLY B 249 11.09 7.21 14.17
N LEU B 250 11.66 7.64 13.04
CA LEU B 250 10.88 8.03 11.86
C LEU B 250 10.78 6.85 10.91
N THR B 251 9.63 6.75 10.23
CA THR B 251 9.43 5.77 9.17
C THR B 251 10.01 6.36 7.89
N VAL B 252 11.12 5.77 7.41
CA VAL B 252 11.92 6.34 6.34
C VAL B 252 12.49 5.21 5.51
N ASP B 253 12.12 5.17 4.23
CA ASP B 253 12.57 4.15 3.29
C ASP B 253 13.65 4.77 2.41
N GLY B 254 14.74 4.03 2.15
CA GLY B 254 15.70 4.43 1.14
C GLY B 254 17.10 4.60 1.71
N PRO B 255 18.06 5.18 0.95
CA PRO B 255 17.80 5.82 -0.34
C PRO B 255 17.41 4.86 -1.45
N MET B 256 16.51 5.32 -2.32
CA MET B 256 16.01 4.55 -3.45
C MET B 256 16.08 5.43 -4.70
N GLY B 257 16.12 4.79 -5.89
CA GLY B 257 16.09 5.48 -7.15
C GLY B 257 14.83 6.34 -7.28
N ALA B 258 15.01 7.64 -7.52
CA ALA B 258 13.91 8.60 -7.50
C ALA B 258 12.77 8.11 -8.40
N ASP B 259 13.14 7.65 -9.60
CA ASP B 259 12.23 7.20 -10.63
C ASP B 259 11.34 6.06 -10.12
N MET B 260 11.93 5.12 -9.38
CA MET B 260 11.22 3.95 -8.91
C MET B 260 10.18 4.36 -7.87
N VAL B 261 10.62 5.12 -6.84
CA VAL B 261 9.80 5.37 -5.65
C VAL B 261 8.58 6.22 -6.02
N LEU B 262 8.80 7.29 -6.78
CA LEU B 262 7.72 8.18 -7.18
C LEU B 262 6.63 7.42 -7.94
N ALA B 263 6.99 6.33 -8.64
CA ALA B 263 6.04 5.58 -9.42
C ALA B 263 5.10 4.78 -8.52
N GLN B 264 5.61 4.27 -7.40
CA GLN B 264 4.83 3.48 -6.47
C GLN B 264 3.73 4.34 -5.84
N ARG B 265 4.04 5.63 -5.62
CA ARG B 265 3.10 6.57 -5.02
C ARG B 265 2.56 5.99 -3.72
N LYS B 266 3.46 5.67 -2.78
CA LYS B 266 3.10 5.00 -1.54
C LYS B 266 3.68 5.74 -0.33
N HIS B 267 3.98 7.03 -0.50
CA HIS B 267 4.62 7.81 0.55
C HIS B 267 3.95 9.18 0.66
N ASP B 268 4.07 9.79 1.84
CA ASP B 268 3.43 11.05 2.14
C ASP B 268 4.39 12.22 1.93
N LEU B 269 5.69 11.92 1.92
CA LEU B 269 6.73 12.94 1.80
C LEU B 269 7.92 12.33 1.08
N TYR B 270 8.25 12.90 -0.09
CA TYR B 270 9.46 12.55 -0.78
C TYR B 270 10.53 13.58 -0.45
N VAL B 271 11.79 13.14 -0.52
CA VAL B 271 12.93 14.00 -0.21
C VAL B 271 13.84 13.94 -1.42
N ALA B 272 14.00 15.09 -2.10
CA ALA B 272 14.81 15.18 -3.29
C ALA B 272 16.16 15.84 -2.98
N MET B 273 17.20 15.34 -3.66
CA MET B 273 18.57 15.82 -3.45
C MET B 273 18.83 17.04 -4.34
N LEU B 274 18.34 17.01 -5.59
CA LEU B 274 18.59 18.05 -6.57
C LEU B 274 17.29 18.69 -7.02
N HIS B 275 17.36 19.97 -7.42
CA HIS B 275 16.20 20.73 -7.86
C HIS B 275 15.33 19.91 -8.82
N ASP B 276 15.95 19.40 -9.88
CA ASP B 276 15.24 18.79 -11.00
C ASP B 276 14.51 17.53 -10.54
N GLN B 277 15.15 16.76 -9.66
CA GLN B 277 14.58 15.50 -9.21
C GLN B 277 13.17 15.72 -8.67
N GLY B 278 12.94 16.87 -8.00
CA GLY B 278 11.64 17.18 -7.40
C GLY B 278 10.72 18.00 -8.31
N HIS B 279 11.30 18.86 -9.15
CA HIS B 279 10.51 19.83 -9.90
C HIS B 279 9.87 19.19 -11.14
N ILE B 280 10.53 18.17 -11.72
CA ILE B 280 10.02 17.49 -12.90
C ILE B 280 8.72 16.73 -12.59
N PRO B 281 8.64 15.91 -11.52
CA PRO B 281 7.39 15.24 -11.17
C PRO B 281 6.24 16.24 -11.04
N ILE B 282 6.45 17.27 -10.20
CA ILE B 282 5.41 18.24 -9.83
C ILE B 282 4.83 18.93 -11.07
N LYS B 283 5.69 19.57 -11.89
CA LYS B 283 5.22 20.42 -12.97
C LYS B 283 4.60 19.60 -14.11
N LEU B 284 4.98 18.32 -14.15
CA LEU B 284 4.45 17.41 -15.15
C LEU B 284 3.04 16.98 -14.76
N LEU B 285 2.83 16.67 -13.47
CA LEU B 285 1.60 16.10 -12.97
C LEU B 285 0.60 17.15 -12.49
N ALA B 286 1.08 18.36 -12.14
CA ALA B 286 0.20 19.43 -11.72
C ALA B 286 0.62 20.73 -12.39
N PRO B 287 0.41 20.86 -13.73
CA PRO B 287 0.91 22.03 -14.47
C PRO B 287 0.04 23.29 -14.23
N GLY B 289 -1.83 23.78 -11.26
CA GLY B 289 -0.86 24.52 -10.44
C GLY B 289 -0.44 23.76 -9.17
N ALA B 290 0.82 24.00 -8.75
CA ALA B 290 1.37 23.49 -7.51
C ALA B 290 1.58 24.62 -6.50
N SER B 291 1.94 24.28 -5.27
CA SER B 291 2.20 25.26 -4.23
C SER B 291 3.63 25.12 -3.72
N ALA B 292 4.31 26.23 -3.49
CA ALA B 292 5.73 26.20 -3.13
C ALA B 292 5.92 26.69 -1.70
N LEU B 293 6.31 25.79 -0.79
CA LEU B 293 6.40 26.12 0.63
C LEU B 293 7.86 26.34 1.01
N SER B 294 8.13 27.52 1.60
CA SER B 294 9.43 27.87 2.15
C SER B 294 9.36 27.61 3.65
N ILE B 295 10.34 26.87 4.19
CA ILE B 295 10.20 26.27 5.51
C ILE B 295 11.46 26.55 6.32
N GLY B 296 11.27 27.24 7.46
CA GLY B 296 12.37 27.66 8.32
C GLY B 296 11.84 28.11 9.68
N GLY B 297 12.31 27.44 10.74
CA GLY B 297 12.07 27.85 12.11
C GLY B 297 10.58 27.95 12.47
N ARG B 298 9.79 26.98 12.02
CA ARG B 298 8.39 26.84 12.38
C ARG B 298 7.47 27.60 11.42
N VAL B 299 8.06 28.26 10.41
CA VAL B 299 7.31 29.13 9.51
C VAL B 299 7.17 28.45 8.15
N VAL B 300 5.92 28.36 7.71
CA VAL B 300 5.61 27.82 6.41
C VAL B 300 5.01 28.95 5.58
N LEU B 301 5.74 29.37 4.54
CA LEU B 301 5.26 30.39 3.62
C LEU B 301 5.01 29.76 2.26
N SER B 302 3.79 29.86 1.76
CA SER B 302 3.44 29.37 0.44
C SER B 302 3.17 30.53 -0.51
N SER B 303 3.51 30.35 -1.78
CA SER B 303 3.15 31.26 -2.84
C SER B 303 1.86 30.76 -3.47
N VAL B 304 1.29 31.57 -4.36
CA VAL B 304 0.03 31.22 -5.00
C VAL B 304 0.29 30.57 -6.36
N GLY B 305 1.54 30.62 -6.85
CA GLY B 305 1.96 29.85 -8.01
C GLY B 305 1.48 30.43 -9.34
N HIS B 306 1.37 31.76 -9.39
CA HIS B 306 1.20 32.51 -10.63
C HIS B 306 1.89 33.86 -10.43
N GLY B 307 2.16 34.57 -11.55
CA GLY B 307 2.84 35.85 -11.49
C GLY B 307 1.89 36.96 -11.03
N SER B 308 2.38 38.21 -10.99
CA SER B 308 1.60 39.35 -10.55
C SER B 308 0.55 39.78 -11.59
N ALA B 309 0.75 39.34 -12.85
CA ALA B 309 -0.22 39.48 -13.93
C ALA B 309 -0.59 40.95 -14.13
N MET B 310 0.40 41.78 -14.43
CA MET B 310 0.20 43.23 -14.51
C MET B 310 -0.74 43.61 -15.66
N ASP B 311 -0.80 42.77 -16.68
CA ASP B 311 -1.59 43.06 -17.86
C ASP B 311 -3.08 42.99 -17.56
N ILE B 312 -3.50 42.23 -16.53
CA ILE B 312 -4.91 42.12 -16.17
C ILE B 312 -5.16 42.78 -14.80
N ALA B 313 -4.20 43.55 -14.32
CA ALA B 313 -4.30 44.13 -12.99
C ALA B 313 -5.38 45.21 -12.97
N GLY B 314 -6.45 44.96 -12.20
CA GLY B 314 -7.37 46.00 -11.77
C GLY B 314 -8.54 46.17 -12.72
N ARG B 315 -8.76 45.15 -13.56
CA ARG B 315 -9.94 45.09 -14.41
C ARG B 315 -10.96 44.12 -13.81
N GLY B 316 -10.67 43.60 -12.62
CA GLY B 316 -11.57 42.73 -11.89
C GLY B 316 -11.83 41.42 -12.64
N VAL B 317 -10.86 40.92 -13.41
CA VAL B 317 -11.06 39.70 -14.17
C VAL B 317 -10.16 38.56 -13.68
N ALA B 318 -9.48 38.76 -12.54
CA ALA B 318 -8.46 37.83 -12.06
C ALA B 318 -9.08 36.74 -11.20
N ASP B 319 -8.68 35.50 -11.49
CA ASP B 319 -9.13 34.29 -10.81
C ASP B 319 -8.43 34.09 -9.46
N ALA B 320 -9.21 33.66 -8.45
CA ALA B 320 -8.67 33.42 -7.12
C ALA B 320 -8.54 31.92 -6.83
N THR B 321 -8.86 31.07 -7.80
CA THR B 321 -8.85 29.63 -7.57
C THR B 321 -7.54 29.25 -6.88
N ALA B 322 -6.42 29.65 -7.47
CA ALA B 322 -5.13 29.26 -6.97
C ALA B 322 -4.96 29.68 -5.51
N LEU B 323 -5.44 30.89 -5.17
CA LEU B 323 -5.35 31.39 -3.81
C LEU B 323 -6.21 30.55 -2.87
N LEU B 324 -7.35 30.06 -3.33
CA LEU B 324 -8.22 29.23 -2.51
C LEU B 324 -7.62 27.84 -2.32
N ARG B 325 -7.03 27.29 -3.39
CA ARG B 325 -6.36 26.01 -3.31
C ARG B 325 -5.23 26.06 -2.29
N THR B 326 -4.54 27.21 -2.24
CA THR B 326 -3.39 27.42 -1.36
C THR B 326 -3.88 27.49 0.07
N ILE B 327 -5.04 28.15 0.27
CA ILE B 327 -5.63 28.30 1.59
C ILE B 327 -6.10 26.95 2.11
N ALA B 328 -6.75 26.17 1.23
CA ALA B 328 -7.23 24.85 1.60
C ALA B 328 -6.07 23.96 2.06
N LEU B 329 -4.88 24.13 1.48
CA LEU B 329 -3.75 23.26 1.79
C LEU B 329 -3.14 23.64 3.13
N LEU B 330 -2.81 24.92 3.32
CA LEU B 330 -2.19 25.37 4.56
C LEU B 330 -3.25 25.49 5.66
N GLY B 331 -4.54 25.52 5.30
CA GLY B 331 -5.61 25.66 6.28
C GLY B 331 -6.19 24.32 6.72
N ALA B 332 -5.44 23.22 6.56
CA ALA B 332 -5.99 21.88 6.62
C ALA B 332 -6.22 21.43 8.07
N GLN B 333 -7.21 20.54 8.24
CA GLN B 333 -7.64 20.06 9.55
C GLN B 333 -6.51 19.27 10.20
N PRO B 334 -6.15 19.59 11.46
CA PRO B 334 -5.34 18.67 12.27
C PRO B 334 -5.70 17.20 12.01
N VAL B 335 -4.68 16.42 11.67
CA VAL B 335 -4.77 15.08 11.10
C VAL B 335 -5.91 15.02 10.07
N MET C 21 -6.06 -1.95 -35.29
CA MET C 21 -6.38 -3.36 -35.69
C MET C 21 -5.11 -3.98 -36.25
N THR C 22 -4.55 -3.35 -37.30
CA THR C 22 -3.28 -3.76 -37.88
C THR C 22 -2.17 -2.84 -37.37
N ILE C 23 -1.22 -3.40 -36.63
CA ILE C 23 -0.26 -2.65 -35.84
C ILE C 23 1.15 -2.76 -36.42
N VAL C 24 1.39 -3.72 -37.32
CA VAL C 24 2.72 -3.99 -37.85
C VAL C 24 2.79 -3.53 -39.30
N HIS C 25 3.53 -2.45 -39.58
CA HIS C 25 3.62 -1.93 -40.94
C HIS C 25 5.05 -2.01 -41.48
N ARG C 26 5.89 -2.85 -40.88
CA ARG C 26 7.28 -2.99 -41.33
C ARG C 26 7.88 -4.28 -40.79
N ARG C 27 9.11 -4.57 -41.24
CA ARG C 27 9.77 -5.81 -40.89
C ARG C 27 10.44 -5.66 -39.54
N LEU C 28 10.22 -6.66 -38.66
CA LEU C 28 10.72 -6.66 -37.31
C LEU C 28 11.34 -8.02 -37.01
N ALA C 29 12.36 -8.03 -36.15
CA ALA C 29 12.92 -9.25 -35.60
C ALA C 29 12.46 -9.42 -34.16
N LEU C 30 11.87 -10.59 -33.85
CA LEU C 30 11.43 -10.90 -32.51
C LEU C 30 12.33 -11.99 -31.95
N ALA C 31 13.10 -11.66 -30.90
CA ALA C 31 13.92 -12.65 -30.24
C ALA C 31 13.23 -13.06 -28.95
N ILE C 32 13.15 -14.37 -28.71
CA ILE C 32 12.14 -14.90 -27.81
C ILE C 32 12.66 -14.91 -26.37
N GLY C 33 13.86 -14.37 -26.14
CA GLY C 33 14.35 -14.19 -24.78
C GLY C 33 14.69 -15.53 -24.14
N ASP C 34 14.60 -15.59 -22.81
CA ASP C 34 14.97 -16.82 -22.10
C ASP C 34 14.03 -17.96 -22.51
N PRO C 35 14.57 -19.05 -23.09
CA PRO C 35 13.74 -20.15 -23.61
C PRO C 35 13.06 -20.97 -22.53
N HIS C 36 13.39 -20.66 -21.26
CA HIS C 36 12.75 -21.28 -20.11
C HIS C 36 11.65 -20.38 -19.56
N GLY C 37 11.75 -19.07 -19.78
CA GLY C 37 10.79 -18.12 -19.28
C GLY C 37 9.52 -18.09 -20.14
N ILE C 38 8.79 -16.97 -20.03
CA ILE C 38 7.53 -16.78 -20.74
C ILE C 38 7.76 -16.20 -22.12
N GLY C 39 9.02 -15.92 -22.48
CA GLY C 39 9.29 -15.34 -23.79
C GLY C 39 8.57 -16.14 -24.88
N PRO C 40 8.92 -17.44 -25.06
CA PRO C 40 8.28 -18.28 -26.07
C PRO C 40 6.76 -18.19 -26.05
N GLU C 41 6.19 -18.38 -24.85
CA GLU C 41 4.75 -18.29 -24.68
C GLU C 41 4.23 -17.00 -25.33
N ILE C 42 4.71 -15.85 -24.84
CA ILE C 42 4.10 -14.57 -25.22
C ILE C 42 4.35 -14.31 -26.69
N ALA C 43 5.53 -14.71 -27.20
CA ALA C 43 5.78 -14.65 -28.62
C ALA C 43 4.58 -15.24 -29.37
N LEU C 44 4.25 -16.51 -29.10
CA LEU C 44 3.22 -17.21 -29.85
C LEU C 44 1.88 -16.50 -29.66
N LYS C 45 1.54 -16.17 -28.40
CA LYS C 45 0.25 -15.55 -28.13
C LYS C 45 0.14 -14.23 -28.91
N ALA C 46 1.27 -13.53 -29.08
CA ALA C 46 1.28 -12.22 -29.72
C ALA C 46 1.17 -12.34 -31.24
N LEU C 47 1.75 -13.40 -31.82
CA LEU C 47 1.64 -13.66 -33.25
C LEU C 47 0.23 -14.15 -33.58
N GLN C 48 -0.37 -14.91 -32.64
CA GLN C 48 -1.74 -15.37 -32.73
C GLN C 48 -2.67 -14.22 -33.10
N GLN C 49 -2.49 -13.08 -32.45
CA GLN C 49 -3.44 -11.99 -32.54
C GLN C 49 -3.29 -11.18 -33.82
N LEU C 50 -2.23 -11.42 -34.59
CA LEU C 50 -1.99 -10.68 -35.81
C LEU C 50 -2.63 -11.41 -37.01
N SER C 51 -2.91 -10.65 -38.08
CA SER C 51 -3.24 -11.21 -39.38
C SER C 51 -2.03 -11.92 -39.95
N ALA C 52 -2.24 -12.76 -40.99
CA ALA C 52 -1.16 -13.55 -41.56
C ALA C 52 -0.16 -12.64 -42.27
N THR C 53 -0.70 -11.58 -42.89
CA THR C 53 0.09 -10.54 -43.52
C THR C 53 1.11 -9.98 -42.53
N GLU C 54 0.66 -9.67 -41.31
CA GLU C 54 1.50 -9.07 -40.29
C GLU C 54 2.53 -10.06 -39.76
N ARG C 55 2.16 -11.34 -39.73
CA ARG C 55 3.04 -12.38 -39.20
C ARG C 55 4.26 -12.58 -40.08
N SER C 56 4.11 -12.31 -41.38
CA SER C 56 5.19 -12.56 -42.33
C SER C 56 6.15 -11.38 -42.37
N LEU C 57 5.79 -10.29 -41.68
CA LEU C 57 6.70 -9.18 -41.44
C LEU C 57 7.57 -9.42 -40.20
N ILE C 58 7.23 -10.43 -39.40
CA ILE C 58 7.94 -10.65 -38.14
C ILE C 58 8.75 -11.93 -38.24
N LYS C 59 10.08 -11.76 -38.24
CA LYS C 59 11.00 -12.87 -38.20
C LYS C 59 11.34 -13.17 -36.74
N VAL C 60 11.27 -14.46 -36.37
CA VAL C 60 11.42 -14.89 -34.98
C VAL C 60 12.78 -15.56 -34.81
N TYR C 61 13.53 -15.13 -33.79
CA TYR C 61 14.87 -15.63 -33.56
C TYR C 61 14.92 -16.33 -32.20
N GLY C 62 15.36 -17.59 -32.21
CA GLY C 62 15.33 -18.41 -31.02
C GLY C 62 15.36 -19.91 -31.34
N PRO C 63 15.50 -20.78 -30.32
CA PRO C 63 15.47 -22.23 -30.53
C PRO C 63 14.07 -22.76 -30.83
N TRP C 64 13.99 -23.60 -31.86
CA TRP C 64 12.73 -24.15 -32.32
C TRP C 64 12.10 -24.99 -31.21
N SER C 65 12.93 -25.71 -30.45
CA SER C 65 12.44 -26.61 -29.42
C SER C 65 11.56 -25.88 -28.41
N ALA C 66 11.92 -24.63 -28.05
CA ALA C 66 11.19 -23.87 -27.05
C ALA C 66 9.85 -23.37 -27.60
N LEU C 67 9.82 -23.03 -28.88
CA LEU C 67 8.58 -22.63 -29.53
C LEU C 67 7.65 -23.84 -29.71
N GLU C 68 8.23 -25.03 -29.90
CA GLU C 68 7.46 -26.26 -29.90
C GLU C 68 6.83 -26.45 -28.53
N GLN C 69 7.66 -26.40 -27.49
CA GLN C 69 7.25 -26.59 -26.10
C GLN C 69 6.09 -25.64 -25.74
N ALA C 70 6.26 -24.35 -26.06
CA ALA C 70 5.23 -23.37 -25.70
C ALA C 70 3.95 -23.60 -26.50
N ALA C 71 4.06 -24.23 -27.68
CA ALA C 71 2.91 -24.46 -28.54
C ALA C 71 2.06 -25.64 -28.03
N GLN C 72 2.71 -26.71 -27.58
CA GLN C 72 1.99 -27.88 -27.04
C GLN C 72 1.25 -27.49 -25.77
N ILE C 73 1.89 -26.65 -24.95
CA ILE C 73 1.30 -26.14 -23.73
C ILE C 73 0.06 -25.31 -24.06
N CYS C 74 0.21 -24.32 -24.96
CA CYS C 74 -0.85 -23.36 -25.23
C CYS C 74 -1.85 -23.89 -26.27
N GLN C 75 -1.54 -25.04 -26.88
CA GLN C 75 -2.37 -25.65 -27.92
C GLN C 75 -2.44 -24.74 -29.14
N MET C 76 -1.27 -24.37 -29.66
CA MET C 76 -1.17 -23.43 -30.78
C MET C 76 -0.29 -24.02 -31.89
N GLU C 77 -0.35 -25.35 -32.07
CA GLU C 77 0.52 -26.03 -33.02
C GLU C 77 0.24 -25.56 -34.46
N SER C 78 -1.01 -25.17 -34.73
CA SER C 78 -1.41 -24.67 -36.04
C SER C 78 -0.53 -23.50 -36.50
N LEU C 79 -0.04 -22.69 -35.54
CA LEU C 79 0.57 -21.41 -35.87
C LEU C 79 2.06 -21.54 -36.20
N LEU C 80 2.64 -22.73 -36.00
CA LEU C 80 4.06 -22.93 -36.21
C LEU C 80 4.37 -22.95 -37.71
N GLN C 81 3.43 -23.48 -38.51
CA GLN C 81 3.57 -23.57 -39.95
C GLN C 81 3.60 -22.19 -40.61
N ASP C 82 2.84 -21.26 -40.02
CA ASP C 82 2.63 -19.95 -40.64
C ASP C 82 3.52 -18.94 -39.94
N LEU C 83 4.79 -19.32 -39.72
CA LEU C 83 5.68 -18.57 -38.85
C LEU C 83 7.06 -18.47 -39.50
N ILE C 84 7.58 -17.24 -39.63
CA ILE C 84 8.90 -17.03 -40.20
C ILE C 84 9.91 -17.08 -39.05
N HIS C 85 10.92 -17.95 -39.19
CA HIS C 85 11.78 -18.34 -38.07
C HIS C 85 13.22 -18.55 -38.52
N GLU C 86 14.16 -18.14 -37.68
CA GLU C 86 15.58 -18.46 -37.82
C GLU C 86 16.07 -19.07 -36.52
N GLU C 87 16.67 -20.26 -36.59
CA GLU C 87 17.22 -20.93 -35.44
C GLU C 87 18.43 -20.15 -34.93
N ALA C 88 18.39 -19.73 -33.65
CA ALA C 88 19.47 -18.86 -33.17
C ALA C 88 20.18 -19.29 -31.87
N GLY C 89 19.42 -19.65 -30.83
CA GLY C 89 20.02 -19.95 -29.53
C GLY C 89 19.70 -21.39 -29.20
N SER C 90 20.15 -22.30 -30.10
CA SER C 90 19.81 -23.71 -30.01
C SER C 90 20.26 -24.27 -28.67
N LEU C 91 19.50 -25.27 -28.18
CA LEU C 91 19.78 -25.94 -26.94
C LEU C 91 20.24 -27.36 -27.25
N ALA C 92 21.15 -27.88 -26.41
CA ALA C 92 21.71 -29.21 -26.59
C ALA C 92 20.92 -30.26 -25.82
N GLN C 93 19.92 -29.81 -25.04
CA GLN C 93 19.14 -30.68 -24.17
C GLN C 93 17.71 -30.12 -24.08
N PRO C 94 16.71 -30.91 -23.66
CA PRO C 94 15.32 -30.46 -23.61
C PRO C 94 15.11 -29.18 -22.82
N VAL C 95 14.05 -28.46 -23.20
CA VAL C 95 13.63 -27.26 -22.50
C VAL C 95 13.10 -27.67 -21.12
N GLN C 96 13.41 -26.83 -20.11
CA GLN C 96 12.97 -27.02 -18.74
C GLN C 96 12.23 -25.77 -18.27
N CYS C 97 10.93 -25.72 -18.52
CA CYS C 97 10.14 -24.54 -18.21
C CYS C 97 10.26 -24.19 -16.73
N GLY C 98 10.91 -23.05 -16.46
CA GLY C 98 10.91 -22.44 -15.14
C GLY C 98 12.29 -22.46 -14.47
N GLU C 99 13.24 -23.18 -15.07
CA GLU C 99 14.53 -23.41 -14.44
C GLU C 99 15.53 -22.36 -14.95
N ILE C 100 16.38 -21.90 -14.04
CA ILE C 100 17.42 -20.94 -14.37
C ILE C 100 18.67 -21.72 -14.69
N THR C 101 19.05 -21.78 -15.98
CA THR C 101 20.18 -22.62 -16.39
C THR C 101 21.15 -21.82 -17.24
N PRO C 102 22.48 -21.98 -17.04
CA PRO C 102 23.49 -21.36 -17.90
C PRO C 102 23.17 -21.41 -19.39
N GLN C 103 22.56 -22.51 -19.82
CA GLN C 103 22.30 -22.76 -21.24
C GLN C 103 21.30 -21.74 -21.76
N ALA C 104 20.23 -21.55 -20.99
CA ALA C 104 19.12 -20.70 -21.38
C ALA C 104 19.56 -19.24 -21.45
N GLY C 105 20.48 -18.87 -20.57
CA GLY C 105 21.14 -17.57 -20.62
C GLY C 105 21.83 -17.34 -21.97
N LEU C 106 22.56 -18.36 -22.45
CA LEU C 106 23.26 -18.30 -23.73
C LEU C 106 22.25 -18.18 -24.86
N SER C 107 21.21 -19.02 -24.83
CA SER C 107 20.18 -18.97 -25.85
C SER C 107 19.71 -17.52 -26.04
N THR C 108 19.28 -16.92 -24.92
CA THR C 108 18.75 -15.56 -24.93
C THR C 108 19.67 -14.63 -25.71
N VAL C 109 20.97 -14.64 -25.35
CA VAL C 109 21.97 -13.74 -25.88
C VAL C 109 22.20 -14.03 -27.37
N GLN C 110 22.30 -15.31 -27.73
CA GLN C 110 22.53 -15.69 -29.12
C GLN C 110 21.35 -15.25 -29.97
N SER C 111 20.14 -15.51 -29.49
CA SER C 111 18.91 -15.13 -30.19
C SER C 111 18.87 -13.62 -30.41
N ALA C 112 19.21 -12.86 -29.35
CA ALA C 112 19.16 -11.42 -29.40
C ALA C 112 20.26 -10.90 -30.30
N THR C 113 21.45 -11.49 -30.17
CA THR C 113 22.58 -11.19 -31.04
C THR C 113 22.17 -11.39 -32.51
N ALA C 114 21.49 -12.50 -32.79
CA ALA C 114 21.09 -12.82 -34.16
C ALA C 114 20.17 -11.75 -34.72
N ALA C 115 19.15 -11.37 -33.95
CA ALA C 115 18.14 -10.44 -34.44
C ALA C 115 18.76 -9.07 -34.70
N ILE C 116 19.75 -8.70 -33.88
CA ILE C 116 20.40 -7.40 -33.99
C ILE C 116 21.14 -7.33 -35.32
N ARG C 117 21.77 -8.46 -35.72
CA ARG C 117 22.63 -8.50 -36.88
C ARG C 117 21.80 -8.53 -38.16
N ALA C 118 20.56 -8.99 -38.04
CA ALA C 118 19.60 -8.94 -39.13
C ALA C 118 19.04 -7.53 -39.30
N CYS C 119 18.98 -6.75 -38.21
CA CYS C 119 18.68 -5.33 -38.29
C CYS C 119 19.88 -4.58 -38.87
N GLU C 120 21.07 -4.82 -38.28
CA GLU C 120 22.32 -4.19 -38.70
C GLU C 120 22.52 -4.32 -40.21
N SER C 121 22.28 -5.53 -40.75
CA SER C 121 22.52 -5.87 -42.15
C SER C 121 21.33 -5.46 -43.03
N GLY C 122 20.16 -5.29 -42.43
CA GLY C 122 19.05 -4.64 -43.12
C GLY C 122 17.91 -5.59 -43.45
N GLU C 123 17.93 -6.82 -42.93
CA GLU C 123 16.83 -7.76 -43.12
C GLU C 123 15.57 -7.25 -42.44
N VAL C 124 15.72 -6.50 -41.32
CA VAL C 124 14.59 -5.93 -40.61
C VAL C 124 14.93 -4.48 -40.24
N ASP C 125 13.93 -3.75 -39.74
CA ASP C 125 14.07 -2.34 -39.41
C ASP C 125 14.21 -2.12 -37.91
N ALA C 126 13.81 -3.09 -37.09
CA ALA C 126 14.02 -2.97 -35.66
C ALA C 126 13.96 -4.34 -34.99
N VAL C 127 14.34 -4.38 -33.72
CA VAL C 127 14.35 -5.61 -32.93
C VAL C 127 13.53 -5.40 -31.67
N ILE C 128 12.73 -6.42 -31.35
CA ILE C 128 12.09 -6.54 -30.05
C ILE C 128 12.70 -7.76 -29.37
N ALA C 129 13.12 -7.60 -28.11
CA ALA C 129 13.62 -8.70 -27.32
C ALA C 129 12.62 -9.08 -26.23
N CYS C 130 12.21 -10.35 -26.22
CA CYS C 130 11.39 -10.89 -25.14
C CYS C 130 12.25 -11.01 -23.87
N PRO C 131 11.65 -11.26 -22.68
CA PRO C 131 12.38 -11.23 -21.42
C PRO C 131 13.57 -12.17 -21.29
N HIS C 132 14.57 -11.68 -20.55
CA HIS C 132 15.76 -12.45 -20.19
C HIS C 132 15.72 -12.70 -18.69
N HIS C 133 16.60 -13.58 -18.21
CA HIS C 133 16.89 -13.72 -16.81
C HIS C 133 18.38 -13.45 -16.61
N GLU C 134 18.71 -12.44 -15.79
CA GLU C 134 20.06 -11.93 -15.64
C GLU C 134 20.99 -12.99 -15.03
N THR C 135 20.46 -13.73 -14.07
CA THR C 135 21.22 -14.77 -13.39
C THR C 135 21.69 -15.79 -14.43
N ALA C 136 20.76 -16.25 -15.25
CA ALA C 136 21.00 -17.27 -16.26
C ALA C 136 22.14 -16.85 -17.18
N ILE C 137 22.19 -15.55 -17.49
CA ILE C 137 23.19 -15.03 -18.40
C ILE C 137 24.52 -14.94 -17.65
N HIS C 138 24.47 -14.46 -16.40
CA HIS C 138 25.68 -14.35 -15.59
C HIS C 138 26.27 -15.73 -15.39
N ARG C 139 25.42 -16.71 -15.09
CA ARG C 139 25.87 -18.07 -14.83
C ARG C 139 26.48 -18.71 -16.07
N ALA C 140 26.15 -18.20 -17.27
CA ALA C 140 26.75 -18.66 -18.50
C ALA C 140 28.17 -18.10 -18.64
N GLY C 141 28.49 -17.08 -17.83
CA GLY C 141 29.80 -16.45 -17.81
C GLY C 141 29.82 -15.18 -18.66
N ILE C 142 28.63 -14.63 -18.95
CA ILE C 142 28.52 -13.53 -19.87
C ILE C 142 28.24 -12.25 -19.09
N ALA C 143 29.05 -11.23 -19.37
CA ALA C 143 28.86 -9.90 -18.83
C ALA C 143 27.65 -9.27 -19.52
N PHE C 144 26.69 -8.82 -18.72
CA PHE C 144 25.52 -8.15 -19.25
C PHE C 144 25.09 -7.06 -18.26
N SER C 145 25.10 -5.81 -18.73
CA SER C 145 24.59 -4.68 -17.95
C SER C 145 23.34 -4.10 -18.59
N GLY C 146 22.74 -4.85 -19.53
CA GLY C 146 21.55 -4.39 -20.23
C GLY C 146 21.69 -4.47 -21.75
N TYR C 147 20.64 -3.99 -22.44
CA TYR C 147 20.56 -4.06 -23.88
C TYR C 147 21.42 -2.97 -24.51
N PRO C 148 21.50 -1.74 -23.93
CA PRO C 148 22.50 -0.77 -24.36
C PRO C 148 23.89 -1.36 -24.53
N SER C 149 24.37 -2.06 -23.50
CA SER C 149 25.71 -2.64 -23.50
C SER C 149 25.80 -3.78 -24.51
N LEU C 150 24.90 -4.77 -24.42
CA LEU C 150 24.97 -5.90 -25.33
C LEU C 150 25.00 -5.39 -26.78
N LEU C 151 24.15 -4.40 -27.08
CA LEU C 151 23.99 -3.90 -28.43
C LEU C 151 25.30 -3.26 -28.89
N ALA C 152 26.01 -2.61 -27.96
CA ALA C 152 27.30 -2.01 -28.24
C ALA C 152 28.30 -3.08 -28.64
N ASN C 153 28.45 -4.09 -27.78
CA ASN C 153 29.41 -5.18 -27.97
C ASN C 153 29.22 -5.80 -29.35
N VAL C 154 27.99 -6.20 -29.67
CA VAL C 154 27.70 -6.90 -30.90
C VAL C 154 28.06 -6.04 -32.11
N LEU C 155 27.88 -4.72 -32.00
CA LEU C 155 28.06 -3.81 -33.13
C LEU C 155 29.49 -3.27 -33.18
N GLY C 156 30.33 -3.65 -32.21
CA GLY C 156 31.69 -3.14 -32.10
C GLY C 156 31.66 -1.62 -31.93
N MET C 157 31.03 -1.15 -30.86
CA MET C 157 31.00 0.27 -30.52
C MET C 157 31.36 0.44 -29.05
N ASN C 158 31.63 1.69 -28.68
CA ASN C 158 31.80 2.08 -27.29
C ASN C 158 30.42 2.14 -26.63
N GLU C 159 30.38 1.81 -25.33
CA GLU C 159 29.14 1.66 -24.59
C GLU C 159 28.41 3.00 -24.47
N ASP C 160 29.13 4.10 -24.68
CA ASP C 160 28.60 5.44 -24.56
C ASP C 160 28.14 5.98 -25.91
N GLU C 161 28.23 5.16 -26.97
CA GLU C 161 27.75 5.53 -28.30
C GLU C 161 26.36 4.93 -28.58
N VAL C 162 25.95 3.92 -27.79
CA VAL C 162 24.56 3.48 -27.80
C VAL C 162 23.82 4.29 -26.74
N PHE C 163 22.58 4.70 -27.05
CA PHE C 163 21.80 5.51 -26.13
C PHE C 163 20.46 4.84 -25.84
N LEU C 164 19.89 5.23 -24.70
CA LEU C 164 18.59 4.74 -24.24
C LEU C 164 17.55 5.83 -24.49
N MET C 165 16.49 5.48 -25.22
CA MET C 165 15.31 6.32 -25.31
C MET C 165 14.15 5.59 -24.63
N LEU C 166 13.55 6.26 -23.62
CA LEU C 166 12.33 5.78 -23.00
C LEU C 166 11.13 6.38 -23.74
N VAL C 167 10.05 5.60 -23.79
CA VAL C 167 8.82 6.02 -24.45
C VAL C 167 7.62 5.56 -23.61
N GLY C 168 6.85 6.54 -23.14
CA GLY C 168 5.64 6.29 -22.38
C GLY C 168 4.83 7.57 -22.24
N ALA C 169 3.50 7.41 -22.30
CA ALA C 169 2.56 8.53 -22.16
C ALA C 169 2.86 9.59 -23.19
N GLY C 170 3.36 9.19 -24.37
CA GLY C 170 3.61 10.12 -25.47
C GLY C 170 4.95 10.83 -25.37
N LEU C 171 5.59 10.82 -24.19
CA LEU C 171 6.92 11.39 -24.03
C LEU C 171 7.96 10.44 -24.63
N ARG C 172 8.86 11.01 -25.45
CA ARG C 172 10.06 10.31 -25.89
C ARG C 172 11.27 11.05 -25.34
N ILE C 173 12.04 10.41 -24.44
CA ILE C 173 13.17 11.04 -23.79
C ILE C 173 14.42 10.21 -24.02
N VAL C 174 15.34 10.73 -24.84
CA VAL C 174 16.63 10.10 -25.05
C VAL C 174 17.59 10.62 -23.99
N HIS C 175 18.49 9.73 -23.52
CA HIS C 175 19.41 10.02 -22.43
C HIS C 175 20.84 10.15 -22.95
N VAL C 176 21.52 11.24 -22.59
CA VAL C 176 22.89 11.44 -23.03
C VAL C 176 23.82 10.54 -22.19
N THR C 177 23.63 10.52 -20.87
CA THR C 177 24.31 9.58 -20.00
C THR C 177 23.27 8.68 -19.35
N LEU C 178 23.74 7.65 -18.64
CA LEU C 178 22.86 6.59 -18.14
C LEU C 178 23.62 5.66 -17.20
N HIS C 179 23.08 5.40 -16.01
CA HIS C 179 23.62 4.35 -15.16
C HIS C 179 25.09 4.62 -14.86
N GLU C 180 25.40 5.84 -14.42
CA GLU C 180 26.65 6.12 -13.73
C GLU C 180 26.38 7.29 -12.79
N SER C 181 27.29 7.49 -11.83
CA SER C 181 27.15 8.59 -10.90
C SER C 181 27.01 9.89 -11.68
N VAL C 182 26.29 10.85 -11.07
CA VAL C 182 26.14 12.19 -11.59
C VAL C 182 27.52 12.74 -11.96
N ARG C 183 28.46 12.72 -11.02
CA ARG C 183 29.77 13.32 -11.23
C ARG C 183 30.42 12.75 -12.49
N SER C 184 30.52 11.42 -12.53
CA SER C 184 31.08 10.74 -13.69
C SER C 184 30.34 11.16 -14.96
N ALA C 185 29.00 11.20 -14.88
CA ALA C 185 28.20 11.66 -16.00
C ALA C 185 28.60 13.08 -16.39
N LEU C 186 28.79 13.95 -15.39
CA LEU C 186 29.07 15.34 -15.63
C LEU C 186 30.42 15.49 -16.34
N GLU C 187 31.42 14.70 -15.95
CA GLU C 187 32.74 14.88 -16.55
C GLU C 187 32.88 14.06 -17.82
N ARG C 188 31.75 13.63 -18.38
CA ARG C 188 31.73 12.94 -19.66
C ARG C 188 30.95 13.78 -20.68
N LEU C 189 29.93 14.51 -20.23
CA LEU C 189 29.13 15.33 -21.13
C LEU C 189 30.06 16.20 -21.98
N SER C 190 29.72 16.32 -23.27
CA SER C 190 30.46 17.20 -24.16
C SER C 190 29.58 17.52 -25.36
N PRO C 191 29.88 18.60 -26.11
CA PRO C 191 29.06 18.99 -27.25
C PRO C 191 28.82 17.83 -28.21
N GLN C 192 29.87 17.03 -28.41
CA GLN C 192 29.82 15.93 -29.35
C GLN C 192 28.83 14.86 -28.88
N LEU C 193 28.84 14.57 -27.58
CA LEU C 193 28.06 13.48 -27.00
C LEU C 193 26.57 13.77 -27.15
N VAL C 194 26.15 14.99 -26.78
CA VAL C 194 24.78 15.43 -26.96
C VAL C 194 24.38 15.24 -28.42
N ILE C 195 25.25 15.70 -29.33
CA ILE C 195 24.94 15.68 -30.76
C ILE C 195 24.69 14.25 -31.20
N ASN C 196 25.60 13.35 -30.84
CA ASN C 196 25.49 11.95 -31.23
C ASN C 196 24.12 11.42 -30.80
N ALA C 197 23.72 11.76 -29.57
CA ALA C 197 22.51 11.22 -28.97
C ALA C 197 21.27 11.72 -29.70
N VAL C 198 21.28 13.01 -30.07
CA VAL C 198 20.15 13.60 -30.77
C VAL C 198 20.06 13.01 -32.15
N ASP C 199 21.20 12.82 -32.84
CA ASP C 199 21.24 12.18 -34.15
C ASP C 199 20.59 10.80 -34.09
N ALA C 200 21.02 9.98 -33.10
CA ALA C 200 20.53 8.63 -32.95
C ALA C 200 19.01 8.63 -32.76
N ALA C 201 18.55 9.57 -31.92
CA ALA C 201 17.16 9.62 -31.47
C ALA C 201 16.24 10.20 -32.54
N VAL C 202 16.81 11.00 -33.46
CA VAL C 202 16.05 11.58 -34.56
C VAL C 202 15.88 10.53 -35.66
N GLN C 203 16.95 9.78 -35.97
CA GLN C 203 16.85 8.60 -36.83
C GLN C 203 15.76 7.68 -36.26
N THR C 204 15.73 7.53 -34.93
CA THR C 204 14.78 6.64 -34.29
C THR C 204 13.37 7.22 -34.44
N CYS C 205 13.22 8.54 -34.33
CA CYS C 205 11.91 9.15 -34.46
C CYS C 205 11.29 8.86 -35.83
N THR C 206 12.13 8.79 -36.87
CA THR C 206 11.66 8.47 -38.20
C THR C 206 11.07 7.06 -38.20
N LEU C 207 11.72 6.13 -37.50
CA LEU C 207 11.21 4.77 -37.37
C LEU C 207 9.88 4.77 -36.61
N LEU C 208 9.75 5.65 -35.60
CA LEU C 208 8.56 5.73 -34.77
C LEU C 208 7.43 6.46 -35.47
N GLY C 209 7.71 7.12 -36.59
CA GLY C 209 6.67 7.72 -37.42
C GLY C 209 6.53 9.22 -37.18
N VAL C 210 7.64 9.88 -36.84
CA VAL C 210 7.69 11.34 -36.74
C VAL C 210 8.95 11.78 -37.49
N PRO C 211 8.91 11.82 -38.84
CA PRO C 211 10.13 12.03 -39.64
C PRO C 211 10.91 13.31 -39.33
N LYS C 212 10.19 14.38 -38.94
CA LYS C 212 10.76 15.71 -38.81
C LYS C 212 10.41 16.27 -37.44
N PRO C 213 11.00 15.73 -36.35
CA PRO C 213 10.53 16.04 -34.99
C PRO C 213 11.03 17.35 -34.42
N GLN C 214 10.23 17.94 -33.54
CA GLN C 214 10.59 19.14 -32.80
C GLN C 214 11.17 18.73 -31.45
N VAL C 215 12.45 19.12 -31.24
CA VAL C 215 13.28 18.60 -30.16
C VAL C 215 13.44 19.65 -29.07
N ALA C 216 13.46 19.18 -27.81
CA ALA C 216 13.76 20.04 -26.67
C ALA C 216 14.90 19.42 -25.87
N VAL C 217 15.95 20.22 -25.64
CA VAL C 217 17.15 19.76 -24.95
C VAL C 217 17.13 20.26 -23.50
N PHE C 218 17.21 19.33 -22.53
CA PHE C 218 17.21 19.69 -21.13
C PHE C 218 18.53 20.34 -20.76
N GLY C 219 18.48 21.28 -19.80
CA GLY C 219 19.69 21.83 -19.23
C GLY C 219 20.38 20.85 -18.28
N ILE C 220 21.71 20.96 -18.22
CA ILE C 220 22.48 20.17 -17.27
C ILE C 220 22.15 20.67 -15.87
N ASN C 221 22.29 22.00 -15.70
CA ASN C 221 22.00 22.64 -14.43
C ASN C 221 20.54 23.08 -14.39
N PRO C 222 19.98 23.31 -13.18
CA PRO C 222 18.61 23.84 -13.05
C PRO C 222 18.37 25.07 -13.92
N HIS C 223 17.24 25.07 -14.65
CA HIS C 223 16.81 26.19 -15.46
C HIS C 223 17.80 26.44 -16.60
N ALA C 224 18.51 25.38 -17.00
CA ALA C 224 19.59 25.46 -17.99
C ALA C 224 20.62 26.54 -17.63
N SER C 225 21.02 26.58 -16.35
CA SER C 225 22.08 27.45 -15.87
C SER C 225 21.56 28.88 -15.64
N PHE C 230 23.72 29.75 -12.63
CA PHE C 230 23.81 28.43 -12.00
C PHE C 230 24.77 27.55 -12.81
N GLY C 231 26.03 27.98 -12.95
CA GLY C 231 27.08 27.11 -13.46
C GLY C 231 27.38 27.32 -14.94
N LEU C 232 28.49 26.75 -15.38
CA LEU C 232 29.07 27.01 -16.69
C LEU C 232 28.83 25.84 -17.66
N GLU C 233 28.39 24.69 -17.14
CA GLU C 233 28.32 23.47 -17.92
C GLU C 233 27.44 23.68 -19.15
N ASP C 234 26.28 24.32 -18.97
CA ASP C 234 25.37 24.47 -20.09
C ASP C 234 26.03 25.29 -21.20
N SER C 235 26.77 26.33 -20.84
CA SER C 235 27.40 27.18 -21.83
C SER C 235 28.52 26.43 -22.56
N GLN C 236 29.11 25.43 -21.92
CA GLN C 236 30.19 24.66 -22.50
C GLN C 236 29.68 23.50 -23.36
N ILE C 237 28.49 22.98 -23.02
CA ILE C 237 28.08 21.66 -23.47
C ILE C 237 26.81 21.70 -24.31
N THR C 238 25.74 22.30 -23.79
CA THR C 238 24.42 22.16 -24.41
C THR C 238 24.25 23.23 -25.48
N VAL C 239 24.57 24.49 -25.13
CA VAL C 239 24.42 25.61 -26.04
C VAL C 239 25.21 25.33 -27.32
N PRO C 240 26.53 25.03 -27.27
CA PRO C 240 27.27 24.70 -28.49
C PRO C 240 26.75 23.50 -29.27
N ALA C 241 26.12 22.54 -28.56
CA ALA C 241 25.51 21.39 -29.21
C ALA C 241 24.27 21.81 -30.01
N VAL C 242 23.45 22.69 -29.40
CA VAL C 242 22.19 23.10 -29.99
C VAL C 242 22.49 23.91 -31.25
N GLU C 243 23.47 24.81 -31.18
CA GLU C 243 23.80 25.67 -32.31
C GLU C 243 24.15 24.77 -33.50
N THR C 244 25.02 23.78 -33.26
CA THR C 244 25.46 22.89 -34.33
C THR C 244 24.24 22.21 -34.98
N LEU C 245 23.32 21.72 -34.16
CA LEU C 245 22.21 20.91 -34.63
C LEU C 245 21.24 21.75 -35.47
N ARG C 246 20.95 22.97 -35.02
CA ARG C 246 20.15 23.93 -35.78
C ARG C 246 20.77 24.20 -37.15
N LYS C 247 22.10 24.39 -37.20
CA LYS C 247 22.79 24.69 -38.44
C LYS C 247 22.63 23.53 -39.42
N ARG C 248 22.73 22.29 -38.93
CA ARG C 248 22.45 21.11 -39.77
C ARG C 248 20.99 21.10 -40.19
N GLY C 249 20.17 21.98 -39.61
CA GLY C 249 18.83 22.23 -40.12
C GLY C 249 17.74 21.53 -39.31
N LEU C 250 18.03 21.23 -38.04
CA LEU C 250 17.07 20.59 -37.15
C LEU C 250 16.31 21.64 -36.34
N THR C 251 15.04 21.35 -36.06
CA THR C 251 14.22 22.17 -35.18
C THR C 251 14.53 21.76 -33.75
N VAL C 252 15.18 22.65 -32.99
CA VAL C 252 15.72 22.33 -31.67
C VAL C 252 15.62 23.56 -30.78
N ASP C 253 14.83 23.47 -29.69
CA ASP C 253 14.39 24.66 -28.98
C ASP C 253 15.33 25.13 -27.85
N GLY C 254 16.40 24.38 -27.54
CA GLY C 254 17.57 24.96 -26.90
C GLY C 254 17.89 24.26 -25.59
N PRO C 255 18.83 24.75 -24.74
CA PRO C 255 18.84 24.27 -23.36
C PRO C 255 17.78 25.01 -22.53
N MET C 256 16.81 24.24 -22.02
CA MET C 256 15.72 24.74 -21.20
C MET C 256 15.62 23.90 -19.93
N GLY C 257 15.03 24.48 -18.88
CA GLY C 257 14.82 23.77 -17.62
C GLY C 257 13.90 22.57 -17.82
N ALA C 258 14.37 21.37 -17.45
CA ALA C 258 13.66 20.13 -17.72
C ALA C 258 12.20 20.23 -17.27
N ASP C 259 12.01 20.74 -16.05
CA ASP C 259 10.70 20.88 -15.42
C ASP C 259 9.74 21.72 -16.27
N MET C 260 10.26 22.81 -16.84
CA MET C 260 9.42 23.73 -17.59
C MET C 260 8.96 23.08 -18.90
N VAL C 261 9.92 22.51 -19.67
CA VAL C 261 9.67 22.09 -21.04
C VAL C 261 8.70 20.92 -21.06
N LEU C 262 8.94 19.93 -20.19
CA LEU C 262 8.11 18.74 -20.13
C LEU C 262 6.65 19.13 -19.87
N ALA C 263 6.43 20.24 -19.16
CA ALA C 263 5.08 20.65 -18.77
C ALA C 263 4.32 21.19 -19.99
N GLN C 264 5.04 21.89 -20.87
CA GLN C 264 4.42 22.48 -22.06
C GLN C 264 3.90 21.38 -22.97
N ARG C 265 4.61 20.25 -23.02
CA ARG C 265 4.25 19.11 -23.84
C ARG C 265 4.04 19.58 -25.28
N LYS C 266 5.11 20.16 -25.85
CA LYS C 266 5.04 20.79 -27.16
C LYS C 266 6.12 20.20 -28.08
N HIS C 267 6.69 19.04 -27.72
CA HIS C 267 7.83 18.50 -28.44
C HIS C 267 7.64 16.99 -28.64
N ASP C 268 8.30 16.47 -29.69
CA ASP C 268 8.19 15.07 -30.09
C ASP C 268 9.34 14.26 -29.52
N LEU C 269 10.40 14.93 -29.07
CA LEU C 269 11.60 14.29 -28.55
C LEU C 269 12.25 15.18 -27.51
N TYR C 270 12.34 14.69 -26.27
CA TYR C 270 13.11 15.37 -25.25
C TYR C 270 14.48 14.71 -25.16
N VAL C 271 15.47 15.51 -24.71
CA VAL C 271 16.84 15.05 -24.60
C VAL C 271 17.28 15.32 -23.18
N ALA C 272 17.58 14.26 -22.44
CA ALA C 272 17.96 14.38 -21.04
C ALA C 272 19.47 14.17 -20.88
N MET C 273 20.05 14.91 -19.94
CA MET C 273 21.48 14.85 -19.66
C MET C 273 21.78 13.72 -18.68
N LEU C 274 20.94 13.59 -17.64
CA LEU C 274 21.16 12.61 -16.58
C LEU C 274 20.02 11.60 -16.51
N HIS C 275 20.34 10.38 -16.08
CA HIS C 275 19.39 9.28 -15.97
C HIS C 275 18.05 9.76 -15.39
N ASP C 276 18.12 10.36 -14.19
CA ASP C 276 16.93 10.69 -13.42
C ASP C 276 16.06 11.69 -14.14
N GLN C 277 16.69 12.67 -14.80
CA GLN C 277 15.93 13.71 -15.50
C GLN C 277 14.90 13.10 -16.44
N GLY C 278 15.26 11.97 -17.09
CA GLY C 278 14.39 11.30 -18.04
C GLY C 278 13.54 10.18 -17.42
N HIS C 279 14.06 9.50 -16.39
CA HIS C 279 13.41 8.30 -15.87
C HIS C 279 12.27 8.63 -14.92
N ILE C 280 12.37 9.77 -14.20
CA ILE C 280 11.32 10.23 -13.30
C ILE C 280 10.02 10.52 -14.07
N PRO C 281 10.02 11.33 -15.16
CA PRO C 281 8.78 11.58 -15.91
C PRO C 281 8.11 10.28 -16.33
N ILE C 282 8.88 9.41 -17.00
CA ILE C 282 8.36 8.20 -17.64
C ILE C 282 7.70 7.27 -16.62
N LYS C 283 8.44 6.88 -15.58
CA LYS C 283 7.97 5.83 -14.68
C LYS C 283 6.90 6.38 -13.75
N LEU C 284 6.80 7.71 -13.65
CA LEU C 284 5.74 8.34 -12.87
C LEU C 284 4.44 8.29 -13.64
N LEU C 285 4.49 8.58 -14.95
CA LEU C 285 3.32 8.79 -15.78
C LEU C 285 2.88 7.50 -16.46
N ALA C 286 3.82 6.58 -16.72
CA ALA C 286 3.46 5.32 -17.35
C ALA C 286 4.24 4.19 -16.70
N PRO C 287 3.96 3.84 -15.43
CA PRO C 287 4.76 2.85 -14.71
C PRO C 287 4.66 1.42 -15.20
N ASN C 288 3.83 1.19 -16.24
CA ASN C 288 3.60 -0.14 -16.76
C ASN C 288 3.56 -0.17 -18.28
N GLY C 289 3.22 0.94 -18.94
CA GLY C 289 3.26 1.03 -20.39
C GLY C 289 4.51 1.75 -20.92
N ALA C 290 5.69 1.42 -20.37
CA ALA C 290 6.93 2.05 -20.84
C ALA C 290 7.78 1.08 -21.66
N SER C 291 8.49 1.66 -22.63
CA SER C 291 9.35 0.90 -23.52
C SER C 291 10.75 1.48 -23.42
N ALA C 292 11.78 0.63 -23.43
CA ALA C 292 13.16 1.08 -23.37
C ALA C 292 13.86 0.75 -24.69
N LEU C 293 14.22 1.78 -25.47
CA LEU C 293 14.83 1.56 -26.78
C LEU C 293 16.34 1.82 -26.68
N SER C 294 17.13 0.83 -27.14
CA SER C 294 18.57 0.94 -27.28
C SER C 294 18.89 1.27 -28.72
N ILE C 295 19.71 2.32 -28.94
CA ILE C 295 19.87 2.90 -30.27
C ILE C 295 21.35 3.05 -30.61
N GLY C 296 21.73 2.45 -31.74
CA GLY C 296 23.10 2.48 -32.22
C GLY C 296 23.20 1.86 -33.62
N GLY C 297 23.74 2.63 -34.57
CA GLY C 297 24.19 2.10 -35.84
C GLY C 297 23.05 1.46 -36.65
N ARG C 298 21.89 2.12 -36.67
CA ARG C 298 20.75 1.76 -37.50
C ARG C 298 19.81 0.82 -36.74
N VAL C 299 20.16 0.43 -35.51
CA VAL C 299 19.42 -0.58 -34.79
C VAL C 299 18.63 0.06 -33.65
N VAL C 300 17.32 -0.21 -33.64
CA VAL C 300 16.48 0.13 -32.51
C VAL C 300 16.01 -1.19 -31.89
N LEU C 301 16.48 -1.44 -30.65
CA LEU C 301 16.08 -2.62 -29.91
C LEU C 301 15.26 -2.22 -28.70
N SER C 302 14.03 -2.73 -28.62
CA SER C 302 13.18 -2.49 -27.47
C SER C 302 13.02 -3.78 -26.68
N SER C 303 12.93 -3.63 -25.35
CA SER C 303 12.55 -4.74 -24.49
C SER C 303 11.04 -4.69 -24.27
N VAL C 304 10.50 -5.71 -23.61
CA VAL C 304 9.06 -5.79 -23.37
C VAL C 304 8.74 -5.22 -21.99
N GLY C 305 9.76 -5.04 -21.14
CA GLY C 305 9.62 -4.29 -19.90
C GLY C 305 8.96 -5.12 -18.81
N HIS C 306 9.17 -6.44 -18.82
CA HIS C 306 8.82 -7.29 -17.70
C HIS C 306 9.87 -8.40 -17.61
N GLY C 307 9.94 -9.06 -16.46
CA GLY C 307 10.86 -10.17 -16.26
C GLY C 307 10.39 -11.44 -17.00
N SER C 308 11.21 -12.49 -16.85
CA SER C 308 10.99 -13.77 -17.51
C SER C 308 9.89 -14.59 -16.80
N ALA C 309 9.55 -14.25 -15.55
CA ALA C 309 8.43 -14.85 -14.82
C ALA C 309 8.51 -16.38 -14.79
N MET C 310 9.57 -16.89 -14.17
CA MET C 310 9.88 -18.31 -14.16
C MET C 310 8.80 -19.11 -13.42
N ASP C 311 8.12 -18.47 -12.47
CA ASP C 311 7.15 -19.17 -11.65
C ASP C 311 5.92 -19.58 -12.46
N ILE C 312 5.62 -18.87 -13.57
CA ILE C 312 4.46 -19.20 -14.40
C ILE C 312 4.91 -19.70 -15.76
N ALA C 313 6.21 -20.03 -15.89
CA ALA C 313 6.74 -20.48 -17.14
C ALA C 313 6.20 -21.88 -17.45
N GLY C 314 5.43 -21.97 -18.54
CA GLY C 314 4.90 -23.23 -19.03
C GLY C 314 3.52 -23.51 -18.46
N ARG C 315 2.91 -22.51 -17.81
CA ARG C 315 1.60 -22.70 -17.20
C ARG C 315 0.52 -22.03 -18.06
N GLY C 316 0.93 -21.44 -19.20
CA GLY C 316 0.00 -20.84 -20.14
C GLY C 316 -0.84 -19.71 -19.54
N VAL C 317 -0.30 -18.97 -18.58
CA VAL C 317 -1.05 -17.93 -17.89
C VAL C 317 -0.43 -16.55 -18.17
N ALA C 318 0.56 -16.48 -19.08
CA ALA C 318 1.30 -15.24 -19.31
C ALA C 318 0.58 -14.37 -20.35
N ASP C 319 0.36 -13.08 -20.02
CA ASP C 319 -0.30 -12.12 -20.91
C ASP C 319 0.74 -11.55 -21.89
N ALA C 320 0.35 -11.33 -23.14
CA ALA C 320 1.26 -10.80 -24.16
C ALA C 320 1.03 -9.31 -24.44
N THR C 321 0.13 -8.68 -23.65
CA THR C 321 -0.27 -7.31 -23.93
C THR C 321 0.99 -6.46 -24.11
N ALA C 322 1.92 -6.52 -23.15
CA ALA C 322 3.11 -5.70 -23.20
C ALA C 322 3.89 -5.91 -24.50
N LEU C 323 3.97 -7.17 -24.94
CA LEU C 323 4.67 -7.50 -26.18
C LEU C 323 3.93 -6.89 -27.39
N LEU C 324 2.59 -6.85 -27.35
CA LEU C 324 1.83 -6.26 -28.43
C LEU C 324 1.97 -4.75 -28.44
N ARG C 325 1.96 -4.13 -27.26
CA ARG C 325 2.15 -2.70 -27.14
C ARG C 325 3.51 -2.30 -27.73
N THR C 326 4.52 -3.16 -27.49
CA THR C 326 5.89 -2.91 -27.94
C THR C 326 5.95 -3.02 -29.47
N ILE C 327 5.20 -3.99 -30.02
CA ILE C 327 5.14 -4.21 -31.45
C ILE C 327 4.43 -3.03 -32.14
N ALA C 328 3.32 -2.58 -31.53
CA ALA C 328 2.58 -1.44 -32.06
C ALA C 328 3.46 -0.19 -32.13
N LEU C 329 4.40 -0.03 -31.20
CA LEU C 329 5.23 1.16 -31.15
C LEU C 329 6.32 1.12 -32.23
N LEU C 330 7.09 0.02 -32.28
CA LEU C 330 8.14 -0.14 -33.27
C LEU C 330 7.56 -0.49 -34.64
N GLY C 331 6.29 -0.91 -34.71
CA GLY C 331 5.70 -1.33 -35.98
C GLY C 331 4.87 -0.24 -36.63
N MET D 21 -21.78 -18.08 -19.79
CA MET D 21 -21.35 -19.49 -19.59
C MET D 21 -20.78 -19.64 -18.18
N THR D 22 -21.56 -20.31 -17.31
CA THR D 22 -21.44 -20.19 -15.86
C THR D 22 -20.69 -21.38 -15.27
N ILE D 23 -19.60 -21.09 -14.54
CA ILE D 23 -18.70 -22.11 -14.03
C ILE D 23 -18.82 -22.27 -12.52
N VAL D 24 -19.45 -21.31 -11.83
CA VAL D 24 -19.51 -21.34 -10.37
C VAL D 24 -20.94 -21.66 -9.91
N HIS D 25 -21.15 -22.85 -9.35
CA HIS D 25 -22.49 -23.26 -8.95
C HIS D 25 -22.59 -23.49 -7.44
N ARG D 26 -21.69 -22.90 -6.66
CA ARG D 26 -21.74 -23.03 -5.20
C ARG D 26 -20.87 -21.97 -4.54
N ARG D 27 -20.91 -21.92 -3.21
CA ARG D 27 -20.19 -20.91 -2.47
C ARG D 27 -18.76 -21.38 -2.24
N LEU D 28 -17.81 -20.46 -2.53
CA LEU D 28 -16.40 -20.73 -2.48
C LEU D 28 -15.69 -19.61 -1.73
N ALA D 29 -14.59 -19.95 -1.06
CA ALA D 29 -13.70 -18.98 -0.46
C ALA D 29 -12.43 -18.87 -1.29
N LEU D 30 -12.10 -17.65 -1.70
CA LEU D 30 -10.88 -17.39 -2.44
C LEU D 30 -9.92 -16.62 -1.55
N ALA D 31 -8.78 -17.24 -1.22
CA ALA D 31 -7.76 -16.56 -0.43
C ALA D 31 -6.65 -16.13 -1.36
N ILE D 32 -6.21 -14.87 -1.24
CA ILE D 32 -5.54 -14.21 -2.34
C ILE D 32 -4.03 -14.49 -2.31
N GLY D 33 -3.58 -15.34 -1.38
CA GLY D 33 -2.21 -15.80 -1.35
C GLY D 33 -1.27 -14.67 -0.96
N ASP D 34 -0.02 -14.72 -1.42
CA ASP D 34 0.97 -13.70 -1.05
C ASP D 34 0.53 -12.35 -1.58
N PRO D 35 0.29 -11.35 -0.69
CA PRO D 35 -0.24 -10.05 -1.11
C PRO D 35 0.77 -9.20 -1.90
N HIS D 36 1.99 -9.71 -2.03
CA HIS D 36 3.01 -9.07 -2.84
C HIS D 36 3.09 -9.73 -4.22
N GLY D 37 2.69 -11.01 -4.32
CA GLY D 37 2.74 -11.73 -5.58
C GLY D 37 1.57 -11.36 -6.49
N ILE D 38 1.28 -12.24 -7.45
CA ILE D 38 0.24 -12.01 -8.46
C ILE D 38 -1.13 -12.44 -7.94
N GLY D 39 -1.19 -13.02 -6.73
CA GLY D 39 -2.45 -13.48 -6.18
C GLY D 39 -3.53 -12.43 -6.33
N PRO D 40 -3.38 -11.25 -5.69
CA PRO D 40 -4.38 -10.19 -5.79
C PRO D 40 -4.82 -9.89 -7.22
N GLU D 41 -3.82 -9.68 -8.09
CA GLU D 41 -4.09 -9.44 -9.50
C GLU D 41 -5.04 -10.50 -10.04
N ILE D 42 -4.63 -11.77 -9.98
CA ILE D 42 -5.36 -12.82 -10.68
C ILE D 42 -6.75 -13.00 -10.05
N ALA D 43 -6.83 -12.85 -8.72
CA ALA D 43 -8.13 -12.83 -8.07
C ALA D 43 -9.07 -11.89 -8.83
N LEU D 44 -8.69 -10.60 -8.96
CA LEU D 44 -9.57 -9.61 -9.56
C LEU D 44 -9.85 -9.97 -11.01
N LYS D 45 -8.82 -10.34 -11.76
CA LYS D 45 -9.03 -10.67 -13.16
C LYS D 45 -10.02 -11.82 -13.29
N ALA D 46 -10.01 -12.75 -12.32
CA ALA D 46 -10.83 -13.95 -12.38
C ALA D 46 -12.28 -13.63 -12.03
N LEU D 47 -12.48 -12.68 -11.10
CA LEU D 47 -13.83 -12.27 -10.75
C LEU D 47 -14.43 -11.38 -11.86
N GLN D 48 -13.57 -10.61 -12.54
CA GLN D 48 -13.93 -9.81 -13.69
C GLN D 48 -14.74 -10.64 -14.68
N GLN D 49 -14.26 -11.87 -14.93
CA GLN D 49 -14.79 -12.67 -16.02
C GLN D 49 -16.13 -13.33 -15.69
N LEU D 50 -16.52 -13.28 -14.41
CA LEU D 50 -17.75 -13.92 -13.96
C LEU D 50 -18.92 -12.93 -14.05
N SER D 51 -20.14 -13.46 -14.15
CA SER D 51 -21.36 -12.70 -13.96
C SER D 51 -21.47 -12.26 -12.50
N ALA D 52 -22.36 -11.30 -12.20
CA ALA D 52 -22.46 -10.76 -10.84
C ALA D 52 -23.05 -11.81 -9.90
N THR D 53 -23.95 -12.63 -10.44
CA THR D 53 -24.52 -13.77 -9.75
C THR D 53 -23.40 -14.67 -9.21
N GLU D 54 -22.42 -14.98 -10.08
CA GLU D 54 -21.34 -15.88 -9.72
C GLU D 54 -20.38 -15.23 -8.73
N ARG D 55 -20.22 -13.90 -8.81
CA ARG D 55 -19.30 -13.17 -7.95
C ARG D 55 -19.77 -13.18 -6.50
N SER D 56 -21.10 -13.26 -6.30
CA SER D 56 -21.65 -13.20 -4.95
C SER D 56 -21.61 -14.58 -4.28
N LEU D 57 -21.23 -15.60 -5.06
CA LEU D 57 -20.95 -16.91 -4.50
C LEU D 57 -19.49 -17.00 -4.02
N ILE D 58 -18.64 -16.03 -4.39
CA ILE D 58 -17.23 -16.12 -4.06
C ILE D 58 -16.88 -15.06 -3.01
N LYS D 59 -16.55 -15.55 -1.81
CA LYS D 59 -16.06 -14.71 -0.74
C LYS D 59 -14.53 -14.68 -0.81
N VAL D 60 -13.97 -13.46 -0.74
CA VAL D 60 -12.55 -13.23 -0.92
C VAL D 60 -11.90 -12.94 0.44
N TYR D 61 -10.81 -13.64 0.73
CA TYR D 61 -10.14 -13.53 2.01
C TYR D 61 -8.72 -13.03 1.80
N GLY D 62 -8.37 -11.92 2.45
CA GLY D 62 -7.10 -11.25 2.25
C GLY D 62 -7.17 -9.77 2.64
N PRO D 63 -6.00 -9.08 2.69
CA PRO D 63 -5.95 -7.66 3.03
C PRO D 63 -6.52 -6.77 1.93
N TRP D 64 -7.38 -5.83 2.34
CA TRP D 64 -8.06 -4.96 1.41
C TRP D 64 -7.05 -4.11 0.65
N SER D 65 -5.97 -3.69 1.34
CA SER D 65 -4.99 -2.79 0.76
C SER D 65 -4.40 -3.39 -0.52
N ALA D 66 -4.15 -4.71 -0.55
CA ALA D 66 -3.53 -5.39 -1.68
C ALA D 66 -4.48 -5.48 -2.87
N LEU D 67 -5.78 -5.69 -2.57
CA LEU D 67 -6.80 -5.72 -3.61
C LEU D 67 -7.01 -4.31 -4.17
N GLU D 68 -6.86 -3.28 -3.33
CA GLU D 68 -6.87 -1.91 -3.80
C GLU D 68 -5.72 -1.69 -4.77
N GLN D 69 -4.51 -2.04 -4.31
CA GLN D 69 -3.28 -1.90 -5.09
C GLN D 69 -3.40 -2.57 -6.45
N ALA D 70 -3.84 -3.83 -6.48
CA ALA D 70 -3.93 -4.56 -7.72
C ALA D 70 -5.01 -3.96 -8.64
N ALA D 71 -6.00 -3.26 -8.05
CA ALA D 71 -7.10 -2.70 -8.83
C ALA D 71 -6.67 -1.41 -9.53
N GLN D 72 -5.90 -0.55 -8.86
CA GLN D 72 -5.41 0.69 -9.45
C GLN D 72 -4.45 0.36 -10.60
N ILE D 73 -3.64 -0.67 -10.42
CA ILE D 73 -2.71 -1.14 -11.44
C ILE D 73 -3.50 -1.62 -12.66
N CYS D 74 -4.48 -2.51 -12.45
CA CYS D 74 -5.19 -3.17 -13.53
C CYS D 74 -6.35 -2.31 -14.05
N GLN D 75 -6.66 -1.22 -13.35
CA GLN D 75 -7.76 -0.32 -13.69
C GLN D 75 -9.09 -1.05 -13.59
N MET D 76 -9.36 -1.63 -12.41
CA MET D 76 -10.56 -2.41 -12.18
C MET D 76 -11.25 -1.95 -10.89
N GLU D 77 -11.22 -0.63 -10.61
CA GLU D 77 -11.71 -0.11 -9.35
C GLU D 77 -13.21 -0.33 -9.21
N SER D 78 -13.94 -0.36 -10.34
CA SER D 78 -15.37 -0.59 -10.35
C SER D 78 -15.74 -1.92 -9.65
N LEU D 79 -14.83 -2.90 -9.70
CA LEU D 79 -15.15 -4.25 -9.27
C LEU D 79 -14.94 -4.46 -7.77
N LEU D 80 -14.41 -3.48 -7.05
CA LEU D 80 -14.20 -3.63 -5.62
C LEU D 80 -15.52 -3.50 -4.86
N GLN D 81 -16.40 -2.64 -5.37
CA GLN D 81 -17.74 -2.45 -4.79
C GLN D 81 -18.61 -3.70 -4.97
N ASP D 82 -18.36 -4.43 -6.05
CA ASP D 82 -19.17 -5.55 -6.48
C ASP D 82 -18.56 -6.86 -5.97
N LEU D 83 -18.00 -6.85 -4.75
CA LEU D 83 -17.09 -7.90 -4.32
C LEU D 83 -17.39 -8.26 -2.86
N ILE D 84 -17.58 -9.56 -2.58
CA ILE D 84 -17.80 -10.00 -1.22
C ILE D 84 -16.44 -10.31 -0.60
N HIS D 85 -16.15 -9.68 0.55
CA HIS D 85 -14.79 -9.65 1.08
C HIS D 85 -14.77 -9.73 2.60
N GLU D 86 -13.81 -10.50 3.14
CA GLU D 86 -13.52 -10.53 4.56
C GLU D 86 -12.03 -10.21 4.74
N GLU D 87 -11.74 -9.21 5.57
CA GLU D 87 -10.37 -8.82 5.86
C GLU D 87 -9.70 -9.94 6.65
N ALA D 88 -8.59 -10.46 6.10
CA ALA D 88 -7.67 -11.36 6.76
C ALA D 88 -6.26 -10.97 6.32
N GLY D 89 -5.26 -11.22 7.17
CA GLY D 89 -3.88 -11.03 6.76
C GLY D 89 -3.56 -9.56 6.49
N SER D 90 -4.08 -8.68 7.37
CA SER D 90 -3.93 -7.26 7.22
C SER D 90 -2.45 -6.94 7.29
N LEU D 91 -2.05 -5.85 6.60
CA LEU D 91 -0.67 -5.40 6.58
C LEU D 91 -0.56 -4.12 7.40
N ALA D 92 0.58 -3.97 8.09
CA ALA D 92 0.83 -2.84 8.96
C ALA D 92 1.52 -1.68 8.21
N GLN D 93 1.86 -1.94 6.94
CA GLN D 93 2.57 -1.01 6.07
C GLN D 93 2.06 -1.21 4.65
N PRO D 94 2.27 -0.23 3.74
CA PRO D 94 1.87 -0.37 2.34
C PRO D 94 2.41 -1.64 1.67
N VAL D 95 1.66 -2.07 0.67
CA VAL D 95 2.00 -3.23 -0.14
C VAL D 95 3.23 -2.88 -0.96
N GLN D 96 4.12 -3.87 -1.14
CA GLN D 96 5.34 -3.74 -1.93
C GLN D 96 5.35 -4.81 -3.01
N CYS D 97 4.78 -4.49 -4.17
CA CYS D 97 4.66 -5.47 -5.24
C CYS D 97 6.02 -6.01 -5.64
N GLY D 98 6.26 -7.30 -5.32
CA GLY D 98 7.41 -8.03 -5.84
C GLY D 98 8.43 -8.38 -4.75
N GLU D 99 8.25 -7.85 -3.54
CA GLU D 99 9.23 -8.03 -2.47
C GLU D 99 8.84 -9.26 -1.63
N ILE D 100 9.86 -10.02 -1.21
CA ILE D 100 9.66 -11.15 -0.33
C ILE D 100 9.81 -10.63 1.10
N THR D 101 8.71 -10.54 1.84
CA THR D 101 8.78 -9.97 3.19
C THR D 101 8.11 -10.91 4.19
N PRO D 102 8.70 -11.08 5.40
CA PRO D 102 8.06 -11.83 6.48
C PRO D 102 6.57 -11.52 6.66
N GLN D 103 6.19 -10.25 6.44
CA GLN D 103 4.83 -9.80 6.67
C GLN D 103 3.87 -10.49 5.71
N ALA D 104 4.27 -10.52 4.44
CA ALA D 104 3.45 -11.03 3.36
C ALA D 104 3.25 -12.54 3.51
N GLY D 105 4.28 -13.21 4.03
CA GLY D 105 4.16 -14.61 4.42
C GLY D 105 3.05 -14.84 5.42
N LEU D 106 2.97 -13.98 6.46
CA LEU D 106 1.93 -14.07 7.46
C LEU D 106 0.56 -13.81 6.84
N SER D 107 0.45 -12.75 6.03
CA SER D 107 -0.80 -12.44 5.35
C SER D 107 -1.35 -13.69 4.68
N THR D 108 -0.52 -14.32 3.83
CA THR D 108 -0.90 -15.50 3.08
C THR D 108 -1.58 -16.52 3.99
N VAL D 109 -0.89 -16.84 5.10
CA VAL D 109 -1.29 -17.87 6.04
C VAL D 109 -2.59 -17.48 6.74
N GLN D 110 -2.68 -16.23 7.18
CA GLN D 110 -3.87 -15.75 7.87
C GLN D 110 -5.07 -15.81 6.93
N SER D 111 -4.89 -15.34 5.70
CA SER D 111 -5.93 -15.35 4.69
C SER D 111 -6.41 -16.78 4.44
N ALA D 112 -5.45 -17.71 4.30
CA ALA D 112 -5.78 -19.09 3.99
C ALA D 112 -6.42 -19.75 5.20
N THR D 113 -5.89 -19.45 6.38
CA THR D 113 -6.47 -19.89 7.63
C THR D 113 -7.94 -19.45 7.71
N ALA D 114 -8.20 -18.18 7.37
CA ALA D 114 -9.54 -17.62 7.42
C ALA D 114 -10.51 -18.38 6.53
N ALA D 115 -10.11 -18.60 5.27
CA ALA D 115 -11.00 -19.20 4.30
C ALA D 115 -11.34 -20.64 4.69
N ILE D 116 -10.37 -21.32 5.31
CA ILE D 116 -10.56 -22.70 5.70
C ILE D 116 -11.62 -22.78 6.79
N ARG D 117 -11.61 -21.81 7.71
CA ARG D 117 -12.49 -21.80 8.87
C ARG D 117 -13.93 -21.44 8.47
N ALA D 118 -14.05 -20.73 7.35
CA ALA D 118 -15.36 -20.45 6.77
C ALA D 118 -15.91 -21.66 6.04
N CYS D 119 -15.02 -22.52 5.53
CA CYS D 119 -15.42 -23.82 4.98
C CYS D 119 -15.77 -24.77 6.14
N GLU D 120 -14.87 -24.86 7.12
CA GLU D 120 -15.05 -25.69 8.31
C GLU D 120 -16.42 -25.45 8.95
N SER D 121 -16.80 -24.18 9.10
CA SER D 121 -18.02 -23.79 9.79
C SER D 121 -19.24 -23.85 8.86
N GLY D 122 -18.99 -23.83 7.54
CA GLY D 122 -20.04 -24.10 6.57
C GLY D 122 -20.50 -22.86 5.79
N GLU D 123 -19.77 -21.74 5.92
CA GLU D 123 -20.09 -20.55 5.15
C GLU D 123 -19.86 -20.79 3.65
N VAL D 124 -18.86 -21.63 3.34
CA VAL D 124 -18.57 -22.00 1.97
C VAL D 124 -18.37 -23.51 1.89
N ASP D 125 -18.34 -24.05 0.66
CA ASP D 125 -18.24 -25.48 0.40
C ASP D 125 -16.83 -25.90 0.01
N ALA D 126 -15.99 -24.95 -0.41
CA ALA D 126 -14.61 -25.27 -0.71
C ALA D 126 -13.74 -24.02 -0.68
N VAL D 127 -12.41 -24.24 -0.68
CA VAL D 127 -11.45 -23.16 -0.67
C VAL D 127 -10.50 -23.31 -1.85
N ILE D 128 -10.22 -22.16 -2.47
CA ILE D 128 -9.16 -22.04 -3.44
C ILE D 128 -8.12 -21.09 -2.82
N ALA D 129 -6.84 -21.48 -2.88
CA ALA D 129 -5.77 -20.62 -2.40
C ALA D 129 -4.92 -20.12 -3.58
N CYS D 130 -4.81 -18.79 -3.70
CA CYS D 130 -3.91 -18.19 -4.67
C CYS D 130 -2.47 -18.41 -4.22
N PRO D 131 -1.46 -18.12 -5.07
CA PRO D 131 -0.08 -18.52 -4.80
C PRO D 131 0.54 -17.93 -3.53
N HIS D 132 1.41 -18.74 -2.93
CA HIS D 132 2.21 -18.37 -1.77
C HIS D 132 3.65 -18.26 -2.23
N HIS D 133 4.50 -17.69 -1.37
CA HIS D 133 5.94 -17.76 -1.50
C HIS D 133 6.46 -18.39 -0.21
N GLU D 134 7.16 -19.53 -0.36
CA GLU D 134 7.57 -20.37 0.77
C GLU D 134 8.57 -19.63 1.65
N THR D 135 9.49 -18.90 1.01
CA THR D 135 10.51 -18.16 1.73
C THR D 135 9.84 -17.19 2.69
N ALA D 136 8.89 -16.40 2.15
CA ALA D 136 8.18 -15.36 2.88
C ALA D 136 7.56 -15.94 4.15
N ILE D 137 7.03 -17.16 4.02
CA ILE D 137 6.34 -17.80 5.12
C ILE D 137 7.38 -18.28 6.12
N HIS D 138 8.46 -18.89 5.62
CA HIS D 138 9.51 -19.39 6.49
C HIS D 138 10.11 -18.22 7.26
N ARG D 139 10.36 -17.11 6.56
CA ARG D 139 11.00 -15.96 7.19
C ARG D 139 10.10 -15.33 8.25
N ALA D 140 8.79 -15.58 8.19
CA ALA D 140 7.88 -15.13 9.24
C ALA D 140 7.99 -16.03 10.47
N GLY D 141 8.64 -17.19 10.31
CA GLY D 141 8.82 -18.16 11.38
C GLY D 141 7.79 -19.28 11.35
N ILE D 142 7.11 -19.45 10.23
CA ILE D 142 5.98 -20.37 10.15
C ILE D 142 6.37 -21.62 9.39
N ALA D 143 6.11 -22.77 10.01
CA ALA D 143 6.28 -24.06 9.39
C ALA D 143 5.20 -24.26 8.32
N PHE D 144 5.63 -24.53 7.09
CA PHE D 144 4.71 -24.83 6.01
C PHE D 144 5.37 -25.87 5.10
N SER D 145 4.74 -27.05 5.03
CA SER D 145 5.16 -28.14 4.15
C SER D 145 4.12 -28.39 3.08
N GLY D 146 3.19 -27.44 2.86
CA GLY D 146 2.12 -27.59 1.89
C GLY D 146 0.72 -27.44 2.48
N TYR D 147 -0.29 -27.55 1.59
CA TYR D 147 -1.68 -27.26 1.95
C TYR D 147 -2.30 -28.45 2.67
N PRO D 148 -1.98 -29.72 2.32
CA PRO D 148 -2.38 -30.85 3.15
C PRO D 148 -2.09 -30.65 4.64
N SER D 149 -0.85 -30.23 4.92
CA SER D 149 -0.39 -30.05 6.29
C SER D 149 -1.06 -28.84 6.92
N LEU D 150 -0.99 -27.68 6.28
CA LEU D 150 -1.60 -26.48 6.83
C LEU D 150 -3.05 -26.76 7.19
N LEU D 151 -3.75 -27.47 6.29
CA LEU D 151 -5.17 -27.72 6.45
C LEU D 151 -5.39 -28.59 7.69
N ALA D 152 -4.47 -29.52 7.93
CA ALA D 152 -4.53 -30.37 9.12
C ALA D 152 -4.43 -29.51 10.39
N ASN D 153 -3.35 -28.71 10.46
CA ASN D 153 -3.06 -27.86 11.60
C ASN D 153 -4.27 -27.01 11.98
N VAL D 154 -4.79 -26.27 11.00
CA VAL D 154 -5.88 -25.32 11.24
C VAL D 154 -7.11 -26.05 11.76
N LEU D 155 -7.34 -27.28 11.29
CA LEU D 155 -8.55 -28.02 11.63
C LEU D 155 -8.39 -28.84 12.91
N GLY D 156 -7.15 -28.84 13.46
CA GLY D 156 -6.84 -29.66 14.61
C GLY D 156 -7.05 -31.13 14.28
N MET D 157 -6.34 -31.61 13.24
CA MET D 157 -6.41 -33.00 12.85
C MET D 157 -4.98 -33.54 12.72
N ASN D 158 -4.87 -34.88 12.70
CA ASN D 158 -3.64 -35.57 12.36
C ASN D 158 -3.43 -35.47 10.84
N GLU D 159 -2.16 -35.43 10.44
CA GLU D 159 -1.84 -35.17 9.05
C GLU D 159 -2.21 -36.38 8.18
N ASP D 160 -2.52 -37.53 8.81
CA ASP D 160 -2.93 -38.73 8.09
C ASP D 160 -4.45 -38.84 7.99
N GLU D 161 -5.17 -37.82 8.51
CA GLU D 161 -6.62 -37.74 8.37
C GLU D 161 -7.03 -36.79 7.23
N VAL D 162 -6.11 -35.94 6.78
CA VAL D 162 -6.28 -35.20 5.54
C VAL D 162 -5.70 -36.06 4.42
N PHE D 163 -6.36 -36.07 3.25
CA PHE D 163 -5.90 -36.85 2.13
C PHE D 163 -5.75 -35.94 0.91
N LEU D 164 -4.85 -36.33 0.00
CA LEU D 164 -4.57 -35.60 -1.22
C LEU D 164 -5.25 -36.33 -2.37
N MET D 165 -6.06 -35.59 -3.14
CA MET D 165 -6.57 -36.09 -4.40
C MET D 165 -5.96 -35.24 -5.51
N LEU D 166 -5.27 -35.90 -6.45
CA LEU D 166 -4.81 -35.25 -7.66
C LEU D 166 -5.89 -35.41 -8.73
N VAL D 167 -6.01 -34.41 -9.62
CA VAL D 167 -7.02 -34.40 -10.67
C VAL D 167 -6.41 -33.83 -11.94
N GLY D 168 -6.42 -34.63 -13.01
CA GLY D 168 -5.79 -34.25 -14.26
C GLY D 168 -5.95 -35.35 -15.31
N ALA D 169 -6.11 -34.95 -16.57
CA ALA D 169 -6.37 -35.84 -17.69
C ALA D 169 -7.52 -36.79 -17.39
N GLY D 170 -8.52 -36.33 -16.64
CA GLY D 170 -9.70 -37.13 -16.36
C GLY D 170 -9.54 -38.07 -15.16
N LEU D 171 -8.29 -38.36 -14.77
CA LEU D 171 -7.99 -39.24 -13.66
C LEU D 171 -8.18 -38.47 -12.37
N ARG D 172 -8.93 -39.07 -11.43
CA ARG D 172 -8.97 -38.59 -10.06
C ARG D 172 -8.40 -39.68 -9.16
N ILE D 173 -7.27 -39.40 -8.51
CA ILE D 173 -6.59 -40.39 -7.69
C ILE D 173 -6.41 -39.83 -6.29
N VAL D 174 -7.14 -40.42 -5.33
CA VAL D 174 -6.95 -40.09 -3.93
C VAL D 174 -5.86 -41.01 -3.39
N HIS D 175 -5.06 -40.48 -2.47
CA HIS D 175 -3.93 -41.18 -1.87
C HIS D 175 -4.23 -41.52 -0.41
N VAL D 176 -4.03 -42.79 -0.04
CA VAL D 176 -4.26 -43.19 1.34
C VAL D 176 -3.10 -42.71 2.20
N THR D 177 -1.86 -42.91 1.73
CA THR D 177 -0.68 -42.35 2.37
C THR D 177 -0.02 -41.36 1.42
N LEU D 178 0.95 -40.59 1.93
CA LEU D 178 1.51 -39.46 1.22
C LEU D 178 2.73 -38.89 1.95
N HIS D 179 3.83 -38.72 1.26
CA HIS D 179 4.95 -37.96 1.82
C HIS D 179 5.42 -38.61 3.11
N GLU D 180 5.65 -39.91 3.07
CA GLU D 180 6.41 -40.63 4.08
C GLU D 180 7.02 -41.83 3.36
N SER D 181 8.02 -42.42 3.97
CA SER D 181 8.66 -43.59 3.42
C SER D 181 7.61 -44.67 3.17
N VAL D 182 7.90 -45.50 2.15
CA VAL D 182 7.06 -46.64 1.80
C VAL D 182 6.82 -47.47 3.07
N ARG D 183 7.92 -47.82 3.79
CA ARG D 183 7.82 -48.70 4.93
C ARG D 183 6.82 -48.13 5.95
N SER D 184 7.05 -46.88 6.35
CA SER D 184 6.17 -46.20 7.28
C SER D 184 4.73 -46.20 6.75
N ALA D 185 4.57 -45.91 5.45
CA ALA D 185 3.25 -45.97 4.84
C ALA D 185 2.65 -47.38 5.01
N LEU D 186 3.49 -48.40 4.76
CA LEU D 186 3.02 -49.77 4.78
C LEU D 186 2.53 -50.15 6.17
N GLU D 187 3.26 -49.71 7.22
CA GLU D 187 2.94 -50.12 8.58
C GLU D 187 1.86 -49.23 9.17
N ARG D 188 1.20 -48.43 8.33
CA ARG D 188 0.11 -47.56 8.79
C ARG D 188 -1.20 -47.94 8.11
N LEU D 189 -1.11 -48.50 6.89
CA LEU D 189 -2.31 -48.92 6.17
C LEU D 189 -3.14 -49.82 7.09
N SER D 190 -4.45 -49.64 7.03
CA SER D 190 -5.39 -50.48 7.76
C SER D 190 -6.77 -50.35 7.11
N PRO D 191 -7.68 -51.33 7.30
CA PRO D 191 -8.99 -51.28 6.65
C PRO D 191 -9.68 -49.94 6.87
N GLN D 192 -9.54 -49.40 8.08
CA GLN D 192 -10.22 -48.18 8.46
C GLN D 192 -9.66 -47.00 7.65
N LEU D 193 -8.34 -46.95 7.46
CA LEU D 193 -7.66 -45.83 6.84
C LEU D 193 -8.11 -45.70 5.38
N VAL D 194 -8.09 -46.83 4.66
CA VAL D 194 -8.59 -46.87 3.29
C VAL D 194 -10.01 -46.31 3.24
N ILE D 195 -10.85 -46.79 4.16
CA ILE D 195 -12.26 -46.44 4.18
C ILE D 195 -12.40 -44.93 4.35
N ASN D 196 -11.69 -44.37 5.32
CA ASN D 196 -11.75 -42.93 5.59
C ASN D 196 -11.46 -42.16 4.31
N ALA D 197 -10.43 -42.60 3.59
CA ALA D 197 -9.94 -41.89 2.43
C ALA D 197 -10.96 -41.95 1.29
N VAL D 198 -11.60 -43.10 1.12
CA VAL D 198 -12.58 -43.28 0.06
C VAL D 198 -13.80 -42.41 0.39
N ASP D 199 -14.22 -42.41 1.66
CA ASP D 199 -15.34 -41.59 2.10
C ASP D 199 -15.08 -40.11 1.80
N ALA D 200 -13.89 -39.62 2.16
CA ALA D 200 -13.53 -38.24 1.95
C ALA D 200 -13.58 -37.88 0.46
N ALA D 201 -13.07 -38.81 -0.37
CA ALA D 201 -12.87 -38.59 -1.80
C ALA D 201 -14.20 -38.73 -2.56
N VAL D 202 -15.16 -39.47 -2.00
CA VAL D 202 -16.47 -39.64 -2.61
C VAL D 202 -17.32 -38.43 -2.30
N GLN D 203 -17.28 -37.93 -1.05
CA GLN D 203 -17.85 -36.63 -0.70
C GLN D 203 -17.30 -35.57 -1.65
N THR D 204 -15.99 -35.64 -1.94
CA THR D 204 -15.36 -34.67 -2.82
C THR D 204 -15.90 -34.84 -4.24
N CYS D 205 -16.10 -36.08 -4.69
CA CYS D 205 -16.59 -36.33 -6.04
C CYS D 205 -17.97 -35.68 -6.26
N THR D 206 -18.78 -35.65 -5.21
CA THR D 206 -20.09 -35.02 -5.27
C THR D 206 -19.92 -33.52 -5.54
N LEU D 207 -18.92 -32.92 -4.90
CA LEU D 207 -18.62 -31.52 -5.11
C LEU D 207 -18.15 -31.29 -6.54
N LEU D 208 -17.40 -32.26 -7.08
CA LEU D 208 -16.79 -32.15 -8.41
C LEU D 208 -17.83 -32.46 -9.48
N GLY D 209 -18.99 -32.99 -9.11
CA GLY D 209 -20.10 -33.19 -10.04
C GLY D 209 -20.15 -34.62 -10.59
N VAL D 210 -19.78 -35.59 -9.74
CA VAL D 210 -19.92 -37.00 -10.03
C VAL D 210 -20.55 -37.63 -8.79
N PRO D 211 -21.88 -37.45 -8.59
CA PRO D 211 -22.50 -37.83 -7.32
C PRO D 211 -22.40 -39.32 -6.97
N LYS D 212 -22.35 -40.18 -7.99
CA LYS D 212 -22.48 -41.61 -7.82
C LYS D 212 -21.32 -42.30 -8.56
N PRO D 213 -20.06 -42.14 -8.08
CA PRO D 213 -18.89 -42.54 -8.86
C PRO D 213 -18.55 -44.02 -8.79
N GLN D 214 -17.95 -44.51 -9.88
CA GLN D 214 -17.45 -45.88 -9.96
C GLN D 214 -15.97 -45.90 -9.58
N VAL D 215 -15.64 -46.60 -8.49
CA VAL D 215 -14.36 -46.49 -7.79
C VAL D 215 -13.51 -47.73 -8.07
N ALA D 216 -12.19 -47.52 -8.20
CA ALA D 216 -11.24 -48.60 -8.30
C ALA D 216 -10.17 -48.45 -7.22
N VAL D 217 -9.95 -49.51 -6.43
CA VAL D 217 -8.97 -49.51 -5.35
C VAL D 217 -7.70 -50.24 -5.79
N PHE D 218 -6.56 -49.55 -5.70
CA PHE D 218 -5.29 -50.16 -6.06
C PHE D 218 -4.85 -51.17 -5.01
N GLY D 219 -4.17 -52.23 -5.45
CA GLY D 219 -3.53 -53.16 -4.54
C GLY D 219 -2.30 -52.55 -3.89
N ILE D 220 -2.05 -52.97 -2.64
CA ILE D 220 -0.83 -52.57 -1.94
C ILE D 220 0.34 -53.23 -2.63
N ASN D 221 0.25 -54.55 -2.78
CA ASN D 221 1.28 -55.33 -3.43
C ASN D 221 0.99 -55.43 -4.93
N PRO D 222 2.02 -55.73 -5.75
CA PRO D 222 1.83 -55.99 -7.18
C PRO D 222 0.70 -56.97 -7.45
N HIS D 223 -0.16 -56.62 -8.42
CA HIS D 223 -1.24 -57.48 -8.89
C HIS D 223 -2.26 -57.70 -7.76
N ALA D 224 -2.31 -56.77 -6.79
CA ALA D 224 -3.13 -56.90 -5.60
C ALA D 224 -2.84 -58.23 -4.88
N SER D 225 -1.56 -58.57 -4.73
CA SER D 225 -1.10 -59.72 -3.97
C SER D 225 -1.22 -61.03 -4.77
N GLU D 226 -2.15 -61.10 -5.73
CA GLU D 226 -2.37 -62.31 -6.52
C GLU D 226 -2.84 -63.42 -5.58
N GLY D 227 -4.02 -63.18 -4.97
CA GLY D 227 -4.51 -64.00 -3.87
C GLY D 227 -3.74 -63.65 -2.61
N GLN D 228 -2.69 -64.43 -2.32
CA GLN D 228 -1.73 -64.14 -1.27
C GLN D 228 -0.32 -64.59 -1.67
N LEU D 229 -0.05 -64.71 -2.98
CA LEU D 229 1.25 -65.17 -3.46
C LEU D 229 2.29 -64.07 -3.25
N PHE D 230 1.88 -62.82 -3.51
CA PHE D 230 2.75 -61.68 -3.33
C PHE D 230 2.31 -60.93 -2.07
N GLY D 231 2.29 -61.62 -0.92
CA GLY D 231 2.11 -60.97 0.36
C GLY D 231 0.67 -61.03 0.89
N LEU D 232 0.53 -60.68 2.16
CA LEU D 232 -0.73 -60.82 2.88
C LEU D 232 -1.44 -59.48 3.07
N GLU D 233 -0.75 -58.37 2.80
CA GLU D 233 -1.27 -57.05 3.13
C GLU D 233 -2.64 -56.83 2.48
N ASP D 234 -2.79 -57.17 1.21
CA ASP D 234 -4.04 -56.90 0.52
C ASP D 234 -5.18 -57.67 1.16
N SER D 235 -4.94 -58.91 1.58
CA SER D 235 -5.99 -59.72 2.18
C SER D 235 -6.36 -59.16 3.55
N GLN D 236 -5.45 -58.45 4.21
CA GLN D 236 -5.69 -57.93 5.54
C GLN D 236 -6.27 -56.51 5.49
N ILE D 237 -6.05 -55.77 4.38
CA ILE D 237 -6.24 -54.33 4.40
C ILE D 237 -7.25 -53.90 3.33
N THR D 238 -7.04 -54.29 2.07
CA THR D 238 -7.79 -53.69 0.97
C THR D 238 -9.09 -54.45 0.76
N VAL D 239 -9.00 -55.80 0.73
CA VAL D 239 -10.15 -56.65 0.52
C VAL D 239 -11.18 -56.36 1.61
N PRO D 240 -10.86 -56.41 2.92
CA PRO D 240 -11.84 -56.06 3.95
C PRO D 240 -12.39 -54.64 3.87
N ALA D 241 -11.61 -53.71 3.31
CA ALA D 241 -12.06 -52.34 3.11
C ALA D 241 -13.11 -52.28 1.99
N VAL D 242 -12.84 -53.03 0.90
CA VAL D 242 -13.71 -53.03 -0.27
C VAL D 242 -15.06 -53.61 0.12
N GLU D 243 -15.06 -54.72 0.87
CA GLU D 243 -16.29 -55.38 1.24
C GLU D 243 -17.16 -54.40 2.02
N THR D 244 -16.57 -53.70 3.00
CA THR D 244 -17.31 -52.75 3.82
C THR D 244 -17.96 -51.70 2.92
N LEU D 245 -17.19 -51.18 1.96
CA LEU D 245 -17.63 -50.05 1.15
C LEU D 245 -18.80 -50.43 0.23
N ARG D 246 -18.72 -51.62 -0.38
CA ARG D 246 -19.82 -52.20 -1.14
C ARG D 246 -21.08 -52.32 -0.30
N LYS D 247 -20.95 -52.82 0.93
CA LYS D 247 -22.09 -53.00 1.82
C LYS D 247 -22.78 -51.66 2.10
N ARG D 248 -21.99 -50.60 2.33
CA ARG D 248 -22.56 -49.26 2.47
C ARG D 248 -23.20 -48.80 1.15
N GLY D 249 -23.00 -49.56 0.08
CA GLY D 249 -23.77 -49.39 -1.15
C GLY D 249 -23.00 -48.61 -2.21
N LEU D 250 -21.66 -48.67 -2.15
CA LEU D 250 -20.82 -48.00 -3.14
C LEU D 250 -20.43 -49.00 -4.23
N THR D 251 -20.31 -48.48 -5.46
CA THR D 251 -19.79 -49.27 -6.57
C THR D 251 -18.27 -49.22 -6.50
N VAL D 252 -17.65 -50.36 -6.20
CA VAL D 252 -16.23 -50.42 -5.86
C VAL D 252 -15.63 -51.71 -6.40
N ASP D 253 -14.66 -51.59 -7.31
CA ASP D 253 -13.96 -52.72 -7.89
C ASP D 253 -12.60 -52.85 -7.19
N GLY D 254 -12.20 -54.09 -6.88
CA GLY D 254 -10.81 -54.36 -6.54
C GLY D 254 -10.69 -55.02 -5.17
N PRO D 255 -9.49 -55.16 -4.59
CA PRO D 255 -8.27 -54.52 -5.10
C PRO D 255 -7.78 -55.14 -6.39
N MET D 256 -7.21 -54.28 -7.25
CA MET D 256 -6.64 -54.68 -8.53
C MET D 256 -5.24 -54.10 -8.66
N GLY D 257 -4.40 -54.70 -9.53
CA GLY D 257 -3.07 -54.19 -9.81
C GLY D 257 -3.15 -52.78 -10.40
N ALA D 258 -2.47 -51.82 -9.79
CA ALA D 258 -2.61 -50.42 -10.14
C ALA D 258 -2.44 -50.21 -11.64
N ASP D 259 -1.40 -50.85 -12.20
CA ASP D 259 -1.04 -50.75 -13.61
C ASP D 259 -2.19 -51.19 -14.51
N MET D 260 -2.87 -52.27 -14.14
CA MET D 260 -3.92 -52.85 -14.96
C MET D 260 -5.13 -51.91 -14.99
N VAL D 261 -5.59 -51.46 -13.81
CA VAL D 261 -6.86 -50.71 -13.70
C VAL D 261 -6.74 -49.37 -14.41
N LEU D 262 -5.66 -48.64 -14.15
CA LEU D 262 -5.46 -47.34 -14.76
C LEU D 262 -5.51 -47.42 -16.29
N ALA D 263 -5.12 -48.58 -16.86
CA ALA D 263 -5.08 -48.75 -18.30
C ALA D 263 -6.48 -48.84 -18.89
N GLN D 264 -7.40 -49.47 -18.15
CA GLN D 264 -8.77 -49.66 -18.59
C GLN D 264 -9.47 -48.31 -18.69
N ARG D 265 -9.13 -47.39 -17.77
CA ARG D 265 -9.69 -46.05 -17.76
C ARG D 265 -11.21 -46.13 -17.78
N LYS D 266 -11.77 -46.82 -16.77
CA LYS D 266 -13.20 -47.09 -16.71
C LYS D 266 -13.78 -46.64 -15.36
N HIS D 267 -13.08 -45.73 -14.66
CA HIS D 267 -13.48 -45.38 -13.31
C HIS D 267 -13.41 -43.85 -13.13
N ASP D 268 -14.20 -43.35 -12.18
CA ASP D 268 -14.27 -41.92 -11.89
C ASP D 268 -13.34 -41.53 -10.75
N LEU D 269 -12.91 -42.52 -9.94
CA LEU D 269 -12.10 -42.26 -8.78
C LEU D 269 -11.20 -43.47 -8.55
N TYR D 270 -9.89 -43.25 -8.62
CA TYR D 270 -8.94 -44.27 -8.24
C TYR D 270 -8.47 -43.99 -6.83
N VAL D 271 -8.08 -45.06 -6.13
CA VAL D 271 -7.63 -44.98 -4.76
C VAL D 271 -6.25 -45.62 -4.70
N ALA D 272 -5.24 -44.80 -4.40
CA ALA D 272 -3.87 -45.26 -4.36
C ALA D 272 -3.40 -45.44 -2.92
N MET D 273 -2.56 -46.47 -2.72
CA MET D 273 -2.06 -46.83 -1.40
C MET D 273 -0.81 -46.00 -1.07
N LEU D 274 0.08 -45.85 -2.06
CA LEU D 274 1.34 -45.16 -1.87
C LEU D 274 1.42 -43.94 -2.79
N HIS D 275 2.20 -42.94 -2.32
CA HIS D 275 2.36 -41.68 -3.04
C HIS D 275 2.60 -41.93 -4.54
N ASP D 276 3.59 -42.75 -4.85
CA ASP D 276 4.10 -42.89 -6.21
C ASP D 276 3.02 -43.51 -7.10
N GLN D 277 2.27 -44.47 -6.56
CA GLN D 277 1.25 -45.16 -7.33
C GLN D 277 0.31 -44.16 -8.00
N GLY D 278 0.00 -43.05 -7.31
CA GLY D 278 -0.91 -42.02 -7.80
C GLY D 278 -0.21 -40.88 -8.53
N HIS D 279 1.02 -40.54 -8.12
CA HIS D 279 1.69 -39.35 -8.63
C HIS D 279 2.32 -39.60 -10.00
N ILE D 280 2.74 -40.85 -10.29
CA ILE D 280 3.32 -41.21 -11.59
C ILE D 280 2.30 -41.05 -12.72
N PRO D 281 1.06 -41.59 -12.63
CA PRO D 281 0.06 -41.39 -13.68
C PRO D 281 -0.15 -39.91 -13.98
N ILE D 282 -0.44 -39.14 -12.93
CA ILE D 282 -0.82 -37.73 -13.04
C ILE D 282 0.27 -36.90 -13.72
N LYS D 283 1.51 -36.93 -13.20
CA LYS D 283 2.59 -36.06 -13.66
C LYS D 283 3.05 -36.45 -15.06
N LEU D 284 2.79 -37.71 -15.44
CA LEU D 284 3.12 -38.19 -16.76
C LEU D 284 2.11 -37.67 -17.78
N LEU D 285 0.82 -37.69 -17.43
CA LEU D 285 -0.27 -37.41 -18.36
C LEU D 285 -0.72 -35.97 -18.32
N ALA D 286 -0.51 -35.27 -17.20
CA ALA D 286 -0.92 -33.87 -17.09
C ALA D 286 0.16 -33.08 -16.35
N PRO D 287 1.38 -32.95 -16.93
CA PRO D 287 2.49 -32.29 -16.23
C PRO D 287 2.31 -30.79 -16.04
N ASN D 288 1.18 -30.24 -16.51
CA ASN D 288 0.94 -28.82 -16.41
C ASN D 288 -0.47 -28.48 -15.91
N GLY D 289 -1.47 -29.32 -16.23
CA GLY D 289 -2.85 -28.88 -16.16
C GLY D 289 -3.63 -29.45 -14.96
N ALA D 290 -2.93 -29.73 -13.86
CA ALA D 290 -3.45 -30.58 -12.80
C ALA D 290 -3.73 -29.79 -11.52
N SER D 291 -4.55 -30.38 -10.65
CA SER D 291 -4.99 -29.76 -9.41
C SER D 291 -4.65 -30.68 -8.25
N ALA D 292 -4.25 -30.09 -7.11
CA ALA D 292 -4.05 -30.86 -5.90
C ALA D 292 -5.12 -30.48 -4.87
N LEU D 293 -6.00 -31.43 -4.53
CA LEU D 293 -7.05 -31.18 -3.54
C LEU D 293 -6.68 -31.80 -2.20
N SER D 294 -6.75 -30.97 -1.15
CA SER D 294 -6.53 -31.41 0.21
C SER D 294 -7.90 -31.57 0.87
N ILE D 295 -8.16 -32.72 1.51
CA ILE D 295 -9.51 -33.06 1.94
C ILE D 295 -9.50 -33.49 3.41
N GLY D 296 -10.28 -32.82 4.24
CA GLY D 296 -10.43 -33.16 5.64
C GLY D 296 -11.62 -32.44 6.27
N GLY D 297 -12.58 -33.22 6.79
CA GLY D 297 -13.63 -32.71 7.66
C GLY D 297 -14.49 -31.65 6.99
N ARG D 298 -14.89 -31.94 5.74
CA ARG D 298 -15.85 -31.15 5.00
C ARG D 298 -15.12 -30.10 4.14
N VAL D 299 -13.79 -30.02 4.23
CA VAL D 299 -13.04 -28.97 3.54
C VAL D 299 -12.30 -29.53 2.32
N VAL D 300 -12.54 -28.93 1.16
CA VAL D 300 -11.76 -29.21 -0.03
C VAL D 300 -10.96 -27.97 -0.40
N LEU D 301 -9.63 -28.03 -0.26
CA LEU D 301 -8.76 -26.91 -0.61
C LEU D 301 -7.90 -27.25 -1.82
N SER D 302 -8.00 -26.42 -2.87
CA SER D 302 -7.15 -26.56 -4.04
C SER D 302 -6.23 -25.35 -4.16
N SER D 303 -5.02 -25.56 -4.72
CA SER D 303 -4.13 -24.47 -5.10
C SER D 303 -4.36 -24.16 -6.57
N VAL D 304 -3.69 -23.11 -7.07
CA VAL D 304 -3.87 -22.67 -8.44
C VAL D 304 -2.80 -23.30 -9.35
N GLY D 305 -1.72 -23.85 -8.77
CA GLY D 305 -0.75 -24.59 -9.56
C GLY D 305 0.16 -23.70 -10.40
N HIS D 306 0.48 -22.50 -9.88
CA HIS D 306 1.64 -21.74 -10.30
C HIS D 306 2.18 -21.00 -9.08
N GLY D 307 3.44 -20.52 -9.16
CA GLY D 307 4.07 -19.79 -8.08
C GLY D 307 3.59 -18.34 -8.02
N SER D 308 4.17 -17.55 -7.10
CA SER D 308 3.72 -16.20 -6.83
C SER D 308 4.21 -15.22 -7.88
N ALA D 309 5.26 -15.58 -8.63
CA ALA D 309 5.76 -14.79 -9.75
C ALA D 309 6.09 -13.34 -9.36
N MET D 310 7.02 -13.17 -8.42
CA MET D 310 7.36 -11.86 -7.86
C MET D 310 7.91 -10.90 -8.92
N ASP D 311 8.56 -11.43 -9.96
CA ASP D 311 9.19 -10.56 -10.94
C ASP D 311 8.16 -9.83 -11.79
N ILE D 312 6.93 -10.36 -11.92
CA ILE D 312 5.88 -9.72 -12.70
C ILE D 312 4.76 -9.23 -11.78
N ALA D 313 5.03 -9.19 -10.47
CA ALA D 313 4.04 -8.75 -9.51
C ALA D 313 3.80 -7.26 -9.67
N GLY D 314 2.57 -6.91 -10.06
CA GLY D 314 2.13 -5.52 -10.17
C GLY D 314 2.33 -4.98 -11.59
N ARG D 315 2.84 -5.82 -12.49
CA ARG D 315 3.28 -5.41 -13.81
C ARG D 315 2.29 -5.93 -14.84
N GLY D 316 1.18 -6.54 -14.38
CA GLY D 316 -0.01 -6.68 -15.20
C GLY D 316 0.19 -7.61 -16.37
N VAL D 317 1.06 -8.63 -16.20
CA VAL D 317 1.25 -9.61 -17.26
C VAL D 317 0.67 -10.97 -16.87
N ALA D 318 0.05 -11.07 -15.67
CA ALA D 318 -0.40 -12.33 -15.13
C ALA D 318 -1.83 -12.60 -15.60
N ASP D 319 -2.04 -13.80 -16.16
CA ASP D 319 -3.34 -14.28 -16.66
C ASP D 319 -3.95 -15.08 -15.53
N ALA D 320 -5.28 -15.17 -15.50
CA ALA D 320 -6.01 -15.85 -14.44
C ALA D 320 -6.50 -17.23 -14.85
N THR D 321 -6.14 -17.68 -16.06
CA THR D 321 -6.63 -18.94 -16.59
C THR D 321 -6.58 -20.01 -15.51
N ALA D 322 -5.42 -20.23 -14.89
CA ALA D 322 -5.30 -21.35 -13.97
C ALA D 322 -6.27 -21.22 -12.81
N LEU D 323 -6.46 -19.98 -12.34
CA LEU D 323 -7.39 -19.71 -11.25
C LEU D 323 -8.82 -19.99 -11.70
N LEU D 324 -9.15 -19.70 -12.97
CA LEU D 324 -10.50 -19.95 -13.48
C LEU D 324 -10.73 -21.45 -13.66
N ARG D 325 -9.71 -22.17 -14.15
CA ARG D 325 -9.79 -23.61 -14.31
C ARG D 325 -10.06 -24.27 -12.96
N THR D 326 -9.44 -23.72 -11.90
CA THR D 326 -9.54 -24.26 -10.56
C THR D 326 -10.94 -23.99 -10.01
N ILE D 327 -11.48 -22.81 -10.34
CA ILE D 327 -12.83 -22.43 -9.94
C ILE D 327 -13.85 -23.31 -10.65
N ALA D 328 -13.66 -23.54 -11.95
CA ALA D 328 -14.56 -24.40 -12.71
C ALA D 328 -14.62 -25.80 -12.12
N LEU D 329 -13.52 -26.30 -11.56
CA LEU D 329 -13.46 -27.65 -11.03
C LEU D 329 -14.21 -27.75 -9.70
N LEU D 330 -13.86 -26.88 -8.73
CA LEU D 330 -14.48 -26.88 -7.42
C LEU D 330 -15.86 -26.22 -7.47
N GLY D 331 -16.17 -25.48 -8.55
CA GLY D 331 -17.46 -24.80 -8.67
C GLY D 331 -18.47 -25.60 -9.49
N ALA D 332 -18.29 -26.91 -9.61
CA ALA D 332 -19.01 -27.71 -10.61
C ALA D 332 -20.44 -28.01 -10.17
N GLN D 333 -21.34 -28.16 -11.16
CA GLN D 333 -22.76 -28.33 -10.89
C GLN D 333 -23.01 -29.76 -10.42
N PRO D 334 -24.02 -29.99 -9.56
CA PRO D 334 -24.44 -31.36 -9.25
C PRO D 334 -25.05 -32.05 -10.48
#